data_8RGM
#
_entry.id   8RGM
#
_cell.length_a   1.00
_cell.length_b   1.00
_cell.length_c   1.00
_cell.angle_alpha   90.00
_cell.angle_beta   90.00
_cell.angle_gamma   90.00
#
_symmetry.space_group_name_H-M   'P 1'
#
loop_
_entity.id
_entity.type
_entity.pdbx_description
1 polymer 'Histone H3.1'
2 polymer 'Histone H4'
3 polymer 'Histone H2A type 1-B/E'
4 polymer 'Histone H2B type 1-J'
5 polymer 'Widom 603 DNA sequence'
6 polymer 'Widom 603 DNA sequence'
#
loop_
_entity_poly.entity_id
_entity_poly.type
_entity_poly.pdbx_seq_one_letter_code
_entity_poly.pdbx_strand_id
1 'polypeptide(L)'
;ARTKQTARKSTGGKAPRKQLATKAARKSAPATGGVKKPHRYRPGTVALREIRRYQKSTELLIRKLPFQRLVREIAQDFKT
DLRFQSSAVMALQEACEAYLVGLFEDTNLCAIHAKRVTIMPKDIQLARRIRGERA
;
A,E
2 'polypeptide(L)'
;SGRGKGGKGLGKGGAKRHRKVLRDNIQGITKPAIRRLARRGGVKRISGLIYEETRGVLKVFLENVIRDAVTYTEHAKRKT
VTAMDVVYALKRQGRTLYGFGG
;
B,F
3 'polypeptide(L)'
;SGRGKQGGKARAKAKTRSSRAGLQFPVGRVHRLLRKGNYSERVGAGAPVYLAAVLEYLTAEILELAGNAARDNKKTRIIP
RHLQLAIRNDEELNKLLGRVTIAQGGVLPNIQAVLLPKKTESHHKAKGK
;
C,G
4 'polypeptide(L)'
;PEPAKSAPAPKKGSKKAVTKAQKKDGKKRKRSRKESYSIYVYKVLKQVHPDTGISSKAMGIMNSFVNDIFERIAGEASRL
AHYNKRSTITSREIQTAVRLLLPGELAKHAVSEGTKAVTKYTSAK
;
D,H
5 'polydeoxyribonucleotide'
;(DC)(DC)(DA)(DG)(DT)(DT)(DC)(DG)(DC)(DG)(DC)(DG)(DC)(DC)(DC)(DA)(DC)(DC)(DT)(DA)
(DC)(DC)(DG)(DT)(DG)(DT)(DG)(DA)(DA)(DG)(DT)(DC)(DG)(DT)(DC)(DA)(DC)(DT)(DC)(DG)
(DG)(DG)(DC)(DT)(DT)(DC)(DT)(DA)(DA)(DG)(DT)(DA)(DC)(DG)(DC)(DT)(DT)(DA)(DG)(DG)
(DC)(DC)(DA)(DC)(DG)(DG)(DT)(DA)(DG)(DA)(DG)(DG)(DG)(DC)(DA)(DA)(DT)(DC)(DC)(DA)
(DA)(DG)(DG)(DC)(DT)(DA)(DA)(DC)(DC)(DA)(DC)(DC)(DG)(DT)(DG)(DC)(DA)(DT)(DC)(DG)
(DA)(DT)(DG)(DT)(DT)(DG)(DA)(DA)(DA)(DG)(DA)(DG)(DG)(DC)(DC)(DC)(DT)(DC)(DC)(DG)
(DT)(DC)(DC)(DT)(DT)(DA)(DT)(DT)(DA)(DC)(DT)(DT)(DC)(DA)(DA)(DG)(DT)(DC)(DC)(DC)
(DT)(DG)(DG)(DG)(DG)
;
I
6 'polydeoxyribonucleotide'
;(DC)(DC)(DC)(DC)(DA)(DG)(DG)(DG)(DA)(DC)(DT)(DT)(DG)(DA)(DA)(DG)(DT)(DA)(DA)(DT)
(DA)(DA)(DG)(DG)(DA)(DC)(DG)(DG)(DA)(DG)(DG)(DG)(DC)(DC)(DT)(DC)(DT)(DT)(DT)(DC)
(DA)(DA)(DC)(DA)(DT)(DC)(DG)(DA)(DT)(DG)(DC)(DA)(DC)(DG)(DG)(DT)(DG)(DG)(DT)(DT)
(DA)(DG)(DC)(DC)(DT)(DT)(DG)(DG)(DA)(DT)(DT)(DG)(DC)(DC)(DC)(DT)(DC)(DT)(DA)(DC)
(DC)(DG)(DT)(DG)(DG)(DC)(DC)(DT)(DA)(DA)(DG)(DC)(DG)(DT)(DA)(DC)(DT)(DT)(DA)(DG)
(DA)(DA)(DG)(DC)(DC)(DC)(DG)(DA)(DG)(DT)(DG)(DA)(DC)(DG)(DA)(DC)(DT)(DT)(DC)(DA)
(DC)(DA)(DC)(DG)(DG)(DT)(DA)(DG)(DG)(DT)(DG)(DG)(DG)(DC)(DG)(DC)(DG)(DC)(DG)(DA)
(DA)(DC)(DT)(DG)(DG)
;
J
#
# COMPACT_ATOMS: atom_id res chain seq x y z
N HIS A 39 5.44 -17.16 49.83
CA HIS A 39 4.44 -17.00 48.73
C HIS A 39 5.13 -17.12 47.38
N ARG A 40 4.61 -18.00 46.53
CA ARG A 40 5.17 -18.19 45.20
C ARG A 40 4.04 -18.26 44.18
N TYR A 41 4.04 -17.34 43.23
CA TYR A 41 3.02 -17.33 42.20
C TYR A 41 3.19 -18.54 41.27
N ARG A 42 2.07 -19.15 40.88
CA ARG A 42 2.17 -20.29 39.99
C ARG A 42 2.63 -19.84 38.60
N PRO A 43 3.45 -20.64 37.93
CA PRO A 43 3.89 -20.27 36.58
C PRO A 43 2.74 -19.82 35.70
N GLY A 44 2.80 -18.60 35.18
CA GLY A 44 1.75 -18.04 34.35
C GLY A 44 1.02 -16.89 35.00
N THR A 45 0.85 -16.93 36.31
CA THR A 45 0.10 -15.87 36.99
C THR A 45 0.74 -14.51 36.77
N VAL A 46 2.06 -14.42 36.95
CA VAL A 46 2.74 -13.15 36.77
C VAL A 46 2.68 -12.71 35.31
N ALA A 47 2.67 -13.66 34.39
CA ALA A 47 2.63 -13.32 32.96
C ALA A 47 1.40 -12.47 32.63
N LEU A 48 0.23 -12.88 33.10
CA LEU A 48 -0.97 -12.09 32.83
C LEU A 48 -0.86 -10.69 33.42
N ARG A 49 -0.24 -10.56 34.58
CA ARG A 49 -0.05 -9.24 35.18
C ARG A 49 0.81 -8.33 34.31
N GLU A 50 1.87 -8.88 33.70
CA GLU A 50 2.70 -8.05 32.83
C GLU A 50 1.95 -7.58 31.60
N ILE A 51 1.12 -8.43 31.00
CA ILE A 51 0.31 -7.97 29.87
C ILE A 51 -0.48 -6.73 30.27
N ARG A 52 -1.22 -6.81 31.35
CA ARG A 52 -2.02 -5.67 31.78
C ARG A 52 -1.17 -4.43 32.05
N ARG A 53 -0.04 -4.60 32.74
CA ARG A 53 0.79 -3.43 33.04
C ARG A 53 1.34 -2.80 31.75
N TYR A 54 1.91 -3.61 30.85
CA TYR A 54 2.56 -3.02 29.69
C TYR A 54 1.56 -2.58 28.64
N GLN A 55 0.38 -3.20 28.61
CA GLN A 55 -0.64 -2.75 27.67
C GLN A 55 -1.31 -1.48 28.16
N LYS A 56 -1.18 -1.18 29.45
CA LYS A 56 -1.71 0.05 30.01
C LYS A 56 -0.73 1.20 29.87
N SER A 57 0.57 0.90 29.78
CA SER A 57 1.59 1.93 29.72
C SER A 57 1.92 2.24 28.27
N THR A 58 2.58 3.37 28.06
CA THR A 58 2.95 3.77 26.70
C THR A 58 4.43 4.11 26.51
N GLU A 59 5.26 3.98 27.54
CA GLU A 59 6.65 4.36 27.36
C GLU A 59 7.34 3.36 26.43
N LEU A 60 8.44 3.78 25.84
CA LEU A 60 9.20 2.90 24.98
C LEU A 60 9.88 1.86 25.85
N LEU A 61 9.90 0.61 25.37
CA LEU A 61 10.36 -0.50 26.18
C LEU A 61 11.78 -0.96 25.87
N ILE A 62 12.37 -0.56 24.76
CA ILE A 62 13.75 -0.91 24.49
C ILE A 62 14.64 0.18 25.05
N ARG A 63 15.72 -0.22 25.70
CA ARG A 63 16.66 0.74 26.27
C ARG A 63 17.16 1.69 25.19
N LYS A 64 17.17 2.97 25.51
CA LYS A 64 17.53 3.98 24.52
C LYS A 64 18.97 3.84 24.03
N LEU A 65 19.93 3.82 24.96
CA LEU A 65 21.32 3.72 24.52
C LEU A 65 21.58 2.50 23.66
N PRO A 66 21.20 1.28 24.06
CA PRO A 66 21.42 0.14 23.16
C PRO A 66 20.84 0.35 21.78
N PHE A 67 19.64 0.90 21.69
CA PHE A 67 19.07 1.19 20.37
C PHE A 67 19.94 2.18 19.61
N GLN A 68 20.38 3.25 20.27
CA GLN A 68 21.21 4.23 19.60
C GLN A 68 22.47 3.59 19.04
N ARG A 69 23.14 2.75 19.83
CA ARG A 69 24.33 2.07 19.33
C ARG A 69 23.98 1.20 18.13
N LEU A 70 22.84 0.53 18.17
CA LEU A 70 22.41 -0.30 17.05
C LEU A 70 22.25 0.53 15.78
N VAL A 71 21.55 1.66 15.87
CA VAL A 71 21.35 2.50 14.70
C VAL A 71 22.67 2.88 14.07
N ARG A 72 23.61 3.35 14.87
CA ARG A 72 24.89 3.78 14.31
C ARG A 72 25.64 2.65 13.64
N GLU A 73 25.61 1.44 14.21
CA GLU A 73 26.33 0.36 13.54
C GLU A 73 25.69 0.05 12.20
N ILE A 74 24.36 0.01 12.14
CA ILE A 74 23.69 -0.31 10.88
C ILE A 74 23.92 0.80 9.86
N ALA A 75 23.83 2.06 10.30
CA ALA A 75 23.97 3.16 9.34
C ALA A 75 25.37 3.21 8.77
N GLN A 76 26.36 2.70 9.51
CA GLN A 76 27.73 2.75 9.04
C GLN A 76 27.90 2.07 7.69
N ASP A 77 27.12 1.03 7.41
CA ASP A 77 27.31 0.30 6.17
C ASP A 77 26.85 1.08 4.95
N PHE A 78 26.00 2.10 5.12
CA PHE A 78 25.52 2.86 3.97
C PHE A 78 26.36 4.10 3.73
N LYS A 79 26.74 4.79 4.79
CA LYS A 79 27.56 5.98 4.68
C LYS A 79 28.30 6.14 6.00
N THR A 80 29.57 6.53 5.91
CA THR A 80 30.36 6.68 7.12
C THR A 80 30.10 8.04 7.77
N ASP A 81 30.47 8.12 9.04
CA ASP A 81 30.36 9.34 9.82
C ASP A 81 29.00 10.02 9.61
N LEU A 82 27.94 9.22 9.68
CA LEU A 82 26.58 9.73 9.51
C LEU A 82 26.04 10.16 10.85
N ARG A 83 25.53 11.37 10.92
CA ARG A 83 24.94 11.88 12.15
C ARG A 83 23.44 11.67 12.13
N PHE A 84 22.84 11.70 13.32
CA PHE A 84 21.40 11.52 13.47
C PHE A 84 20.87 12.51 14.48
N GLN A 85 19.81 13.21 14.13
CA GLN A 85 19.15 14.06 15.12
C GLN A 85 18.61 13.18 16.23
N SER A 86 18.67 13.66 17.46
CA SER A 86 18.12 12.88 18.56
C SER A 86 16.68 12.50 18.29
N SER A 87 15.90 13.41 17.70
CA SER A 87 14.52 13.11 17.35
C SER A 87 14.43 12.06 16.26
N ALA A 88 15.43 12.00 15.37
CA ALA A 88 15.45 10.96 14.35
C ALA A 88 15.52 9.58 14.98
N VAL A 89 16.40 9.40 15.97
CA VAL A 89 16.50 8.11 16.63
C VAL A 89 15.19 7.78 17.30
N MET A 90 14.55 8.77 17.93
CA MET A 90 13.27 8.55 18.57
C MET A 90 12.24 8.06 17.55
N ALA A 91 12.20 8.70 16.38
CA ALA A 91 11.25 8.28 15.36
C ALA A 91 11.48 6.84 14.95
N LEU A 92 12.73 6.41 14.79
CA LEU A 92 12.97 5.03 14.42
C LEU A 92 12.46 4.09 15.51
N GLN A 93 12.77 4.39 16.77
CA GLN A 93 12.35 3.51 17.85
C GLN A 93 10.83 3.37 17.88
N GLU A 94 10.11 4.48 17.73
CA GLU A 94 8.66 4.38 17.75
C GLU A 94 8.18 3.42 16.67
N ALA A 95 8.69 3.58 15.45
CA ALA A 95 8.29 2.69 14.38
C ALA A 95 8.70 1.24 14.67
N CYS A 96 9.93 1.05 15.15
CA CYS A 96 10.43 -0.31 15.37
C CYS A 96 9.61 -1.03 16.43
N GLU A 97 9.36 -0.38 17.56
CA GLU A 97 8.59 -1.04 18.61
C GLU A 97 7.19 -1.37 18.11
N ALA A 98 6.54 -0.41 17.47
CA ALA A 98 5.20 -0.65 16.95
C ALA A 98 5.20 -1.83 15.98
N TYR A 99 6.18 -1.87 15.09
CA TYR A 99 6.29 -2.99 14.16
C TYR A 99 6.45 -4.31 14.89
N LEU A 100 7.35 -4.36 15.87
CA LEU A 100 7.56 -5.62 16.58
C LEU A 100 6.33 -6.00 17.39
N VAL A 101 5.69 -5.02 18.01
CA VAL A 101 4.46 -5.32 18.73
C VAL A 101 3.44 -5.93 17.78
N GLY A 102 3.30 -5.32 16.61
CA GLY A 102 2.38 -5.86 15.62
C GLY A 102 2.73 -7.29 15.23
N LEU A 103 4.02 -7.59 15.14
CA LEU A 103 4.43 -8.95 14.76
C LEU A 103 4.16 -9.94 15.87
N PHE A 104 4.48 -9.58 17.12
CA PHE A 104 4.22 -10.52 18.21
C PHE A 104 2.73 -10.79 18.35
N GLU A 105 1.88 -9.80 18.10
CA GLU A 105 0.44 -10.03 18.16
C GLU A 105 0.02 -11.07 17.14
N ASP A 106 0.46 -10.90 15.89
CA ASP A 106 0.09 -11.85 14.85
C ASP A 106 0.72 -13.21 15.10
N THR A 107 1.96 -13.21 15.59
CA THR A 107 2.62 -14.48 15.91
C THR A 107 1.81 -15.26 16.94
N ASN A 108 1.31 -14.57 17.97
CA ASN A 108 0.51 -15.24 18.98
C ASN A 108 -0.70 -15.92 18.36
N LEU A 109 -1.43 -15.22 17.50
CA LEU A 109 -2.60 -15.84 16.88
C LEU A 109 -2.20 -17.13 16.19
N CYS A 110 -1.07 -17.13 15.49
CA CYS A 110 -0.62 -18.37 14.86
C CYS A 110 -0.39 -19.44 15.92
N ALA A 111 0.30 -19.09 17.00
CA ALA A 111 0.53 -20.08 18.05
C ALA A 111 -0.78 -20.60 18.59
N ILE A 112 -1.69 -19.69 18.96
CA ILE A 112 -2.99 -20.12 19.48
C ILE A 112 -3.66 -21.02 18.47
N HIS A 113 -3.52 -20.69 17.18
CA HIS A 113 -4.14 -21.48 16.13
C HIS A 113 -3.71 -22.94 16.20
N ALA A 114 -2.46 -23.21 16.56
CA ALA A 114 -1.99 -24.58 16.66
C ALA A 114 -2.27 -25.20 18.03
N LYS A 115 -3.23 -24.65 18.77
CA LYS A 115 -3.61 -25.17 20.08
C LYS A 115 -2.44 -25.14 21.06
N ARG A 116 -1.55 -24.17 20.88
CA ARG A 116 -0.43 -23.93 21.76
C ARG A 116 -0.57 -22.55 22.37
N VAL A 117 0.11 -22.33 23.49
CA VAL A 117 0.18 -21.02 24.12
C VAL A 117 1.57 -20.43 24.07
N THR A 118 2.55 -21.18 23.58
CA THR A 118 3.93 -20.72 23.49
C THR A 118 4.28 -20.35 22.06
N ILE A 119 4.77 -19.14 21.84
CA ILE A 119 5.23 -18.74 20.52
C ILE A 119 6.62 -19.32 20.31
N MET A 120 6.88 -19.82 19.11
CA MET A 120 8.15 -20.44 18.76
C MET A 120 8.65 -19.84 17.46
N PRO A 121 9.94 -20.02 17.14
CA PRO A 121 10.45 -19.47 15.89
C PRO A 121 9.60 -19.81 14.67
N LYS A 122 9.07 -21.02 14.60
CA LYS A 122 8.22 -21.38 13.48
C LYS A 122 6.98 -20.48 13.41
N ASP A 123 6.51 -19.99 14.55
CA ASP A 123 5.37 -19.08 14.52
C ASP A 123 5.73 -17.73 13.93
N ILE A 124 6.86 -17.15 14.34
CA ILE A 124 7.29 -15.88 13.74
C ILE A 124 7.43 -16.03 12.24
N GLN A 125 8.05 -17.12 11.78
CA GLN A 125 8.26 -17.28 10.35
C GLN A 125 6.93 -17.25 9.62
N LEU A 126 5.95 -17.97 10.14
CA LEU A 126 4.65 -17.99 9.51
C LEU A 126 4.07 -16.59 9.42
N ALA A 127 4.04 -15.87 10.53
CA ALA A 127 3.50 -14.51 10.51
C ALA A 127 4.15 -13.68 9.42
N ARG A 128 5.48 -13.71 9.35
CA ARG A 128 6.19 -12.91 8.36
C ARG A 128 5.83 -13.35 6.95
N ARG A 129 5.77 -14.66 6.71
CA ARG A 129 5.44 -15.19 5.39
C ARG A 129 4.09 -14.65 4.91
N ILE A 130 3.08 -14.69 5.77
CA ILE A 130 1.74 -14.26 5.37
C ILE A 130 1.72 -12.77 5.06
N ARG A 131 2.44 -11.97 5.85
CA ARG A 131 2.49 -10.54 5.59
C ARG A 131 3.21 -10.22 4.28
N GLY A 132 3.91 -11.18 3.71
CA GLY A 132 4.65 -11.00 2.48
C GLY A 132 6.13 -10.73 2.64
N GLU A 133 6.63 -10.58 3.86
CA GLU A 133 8.04 -10.30 4.04
C GLU A 133 8.86 -11.47 3.52
N ASN B 25 26.62 -4.85 19.26
CA ASN B 25 25.58 -3.85 19.67
C ASN B 25 24.18 -4.41 19.48
N ILE B 26 24.04 -5.39 18.60
CA ILE B 26 22.72 -5.95 18.36
C ILE B 26 22.22 -6.66 19.61
N GLN B 27 23.14 -7.12 20.46
CA GLN B 27 22.77 -7.79 21.70
C GLN B 27 22.20 -6.81 22.70
N GLY B 28 22.37 -5.51 22.47
CA GLY B 28 21.78 -4.53 23.35
C GLY B 28 20.28 -4.64 23.42
N ILE B 29 19.64 -5.20 22.40
CA ILE B 29 18.22 -5.50 22.50
C ILE B 29 18.19 -6.73 23.38
N THR B 30 18.18 -6.51 24.68
CA THR B 30 18.32 -7.57 25.65
C THR B 30 17.11 -8.50 25.69
N LYS B 31 17.35 -9.68 26.26
CA LYS B 31 16.28 -10.66 26.44
C LYS B 31 15.12 -10.07 27.21
N PRO B 32 15.32 -9.42 28.35
CA PRO B 32 14.18 -8.77 29.03
C PRO B 32 13.45 -7.79 28.15
N ALA B 33 14.18 -7.02 27.34
CA ALA B 33 13.51 -6.08 26.45
C ALA B 33 12.58 -6.81 25.48
N ILE B 34 13.07 -7.88 24.85
CA ILE B 34 12.22 -8.61 23.92
C ILE B 34 11.01 -9.17 24.65
N ARG B 35 11.21 -9.64 25.88
CA ARG B 35 10.09 -10.14 26.67
C ARG B 35 9.04 -9.07 26.89
N ARG B 36 9.47 -7.88 27.30
CA ARG B 36 8.53 -6.78 27.53
C ARG B 36 7.74 -6.46 26.26
N LEU B 37 8.39 -6.42 25.11
CA LEU B 37 7.65 -6.15 23.88
C LEU B 37 6.61 -7.23 23.63
N ALA B 38 6.98 -8.49 23.86
CA ALA B 38 6.02 -9.57 23.64
C ALA B 38 4.82 -9.43 24.57
N ARG B 39 5.07 -9.04 25.83
CA ARG B 39 3.97 -8.88 26.76
C ARG B 39 2.98 -7.84 26.26
N ARG B 40 3.48 -6.73 25.70
CA ARG B 40 2.58 -5.74 25.13
C ARG B 40 1.79 -6.33 23.97
N GLY B 41 2.37 -7.27 23.26
CA GLY B 41 1.70 -7.95 22.16
C GLY B 41 0.72 -9.01 22.60
N GLY B 42 0.54 -9.18 23.90
CA GLY B 42 -0.41 -10.15 24.40
C GLY B 42 0.12 -11.55 24.47
N VAL B 43 1.44 -11.71 24.49
CA VAL B 43 2.06 -13.03 24.53
C VAL B 43 2.21 -13.40 25.99
N LYS B 44 1.80 -14.61 26.34
CA LYS B 44 1.88 -15.04 27.73
C LYS B 44 3.11 -15.87 28.02
N ARG B 45 3.50 -16.77 27.12
CA ARG B 45 4.66 -17.62 27.33
C ARG B 45 5.55 -17.49 26.10
N ILE B 46 6.86 -17.45 26.31
CA ILE B 46 7.82 -17.26 25.22
C ILE B 46 8.83 -18.39 25.23
N SER B 47 9.02 -19.01 24.07
CA SER B 47 10.01 -20.07 23.95
C SER B 47 11.41 -19.50 23.97
N GLY B 48 12.36 -20.34 24.40
CA GLY B 48 13.74 -19.89 24.53
C GLY B 48 14.41 -19.55 23.22
N LEU B 49 13.88 -20.01 22.09
CA LEU B 49 14.47 -19.70 20.80
C LEU B 49 13.94 -18.40 20.18
N ILE B 50 12.94 -17.77 20.80
CA ILE B 50 12.32 -16.60 20.19
C ILE B 50 13.29 -15.42 20.15
N TYR B 51 14.09 -15.26 21.19
CA TYR B 51 14.98 -14.11 21.28
C TYR B 51 15.89 -14.00 20.06
N GLU B 52 16.47 -15.11 19.61
CA GLU B 52 17.33 -15.03 18.44
C GLU B 52 16.55 -14.68 17.17
N GLU B 53 15.37 -15.25 17.00
CA GLU B 53 14.56 -14.91 15.84
C GLU B 53 14.22 -13.43 15.82
N THR B 54 13.77 -12.89 16.95
CA THR B 54 13.39 -11.47 16.98
C THR B 54 14.56 -10.58 16.59
N ARG B 55 15.74 -10.84 17.15
CA ARG B 55 16.90 -10.05 16.79
C ARG B 55 17.12 -10.07 15.29
N GLY B 56 17.03 -11.25 14.68
CA GLY B 56 17.19 -11.31 13.23
C GLY B 56 16.13 -10.48 12.53
N VAL B 57 14.87 -10.61 12.96
CA VAL B 57 13.79 -9.85 12.35
C VAL B 57 14.05 -8.35 12.47
N LEU B 58 14.41 -7.91 13.68
CA LEU B 58 14.66 -6.49 13.89
C LEU B 58 15.74 -5.98 12.95
N LYS B 59 16.80 -6.77 12.78
CA LYS B 59 17.88 -6.38 11.88
C LYS B 59 17.35 -6.07 10.48
N VAL B 60 16.53 -6.97 9.94
CA VAL B 60 15.98 -6.75 8.61
C VAL B 60 15.18 -5.45 8.56
N PHE B 61 14.23 -5.29 9.46
CA PHE B 61 13.41 -4.08 9.47
C PHE B 61 14.24 -2.81 9.54
N LEU B 62 15.17 -2.73 10.49
CA LEU B 62 15.96 -1.53 10.65
C LEU B 62 16.73 -1.19 9.37
N GLU B 63 17.42 -2.17 8.79
CA GLU B 63 18.17 -1.91 7.56
C GLU B 63 17.28 -1.25 6.51
N ASN B 64 16.10 -1.80 6.26
CA ASN B 64 15.24 -1.22 5.23
C ASN B 64 14.94 0.25 5.54
N VAL B 65 14.48 0.54 6.76
CA VAL B 65 14.09 1.91 7.07
C VAL B 65 15.29 2.84 6.99
N ILE B 66 16.40 2.45 7.61
CA ILE B 66 17.58 3.31 7.63
C ILE B 66 18.08 3.54 6.20
N ARG B 67 18.13 2.48 5.39
CA ARG B 67 18.55 2.64 4.00
C ARG B 67 17.81 3.80 3.35
N ASP B 68 16.48 3.77 3.42
CA ASP B 68 15.69 4.80 2.75
C ASP B 68 15.95 6.17 3.37
N ALA B 69 16.01 6.25 4.70
CA ALA B 69 16.26 7.53 5.35
C ALA B 69 17.59 8.11 4.93
N VAL B 70 18.62 7.27 4.87
CA VAL B 70 19.94 7.72 4.44
C VAL B 70 19.89 8.15 2.97
N THR B 71 19.16 7.39 2.15
CA THR B 71 19.02 7.74 0.74
C THR B 71 18.46 9.15 0.59
N TYR B 72 17.40 9.46 1.34
CA TYR B 72 16.86 10.82 1.33
C TYR B 72 17.91 11.82 1.78
N THR B 73 18.68 11.47 2.81
CA THR B 73 19.70 12.39 3.31
C THR B 73 20.68 12.80 2.21
N GLU B 74 21.18 11.83 1.44
CA GLU B 74 22.10 12.21 0.37
C GLU B 74 21.42 13.11 -0.64
N HIS B 75 20.15 12.85 -0.96
CA HIS B 75 19.47 13.66 -1.96
C HIS B 75 19.31 15.10 -1.51
N ALA B 76 19.11 15.32 -0.22
CA ALA B 76 18.98 16.68 0.31
C ALA B 76 20.33 17.35 0.50
N LYS B 77 21.42 16.74 0.05
CA LYS B 77 22.78 17.24 0.22
C LYS B 77 23.14 17.41 1.68
N ARG B 78 22.44 16.72 2.58
CA ARG B 78 22.66 16.86 4.01
C ARG B 78 23.55 15.75 4.54
N LYS B 79 24.11 16.00 5.73
CA LYS B 79 24.92 15.03 6.45
C LYS B 79 24.24 14.55 7.72
N THR B 80 23.06 15.07 8.04
CA THR B 80 22.33 14.70 9.26
C THR B 80 20.96 14.17 8.86
N VAL B 81 20.68 12.92 9.24
CA VAL B 81 19.36 12.35 8.99
C VAL B 81 18.36 13.01 9.92
N THR B 82 17.31 13.59 9.35
CA THR B 82 16.30 14.26 10.14
C THR B 82 15.12 13.32 10.37
N ALA B 83 14.28 13.67 11.35
CA ALA B 83 13.08 12.90 11.63
C ALA B 83 12.14 12.89 10.43
N MET B 84 12.06 14.01 9.70
CA MET B 84 11.20 14.05 8.52
C MET B 84 11.65 13.05 7.47
N ASP B 85 12.96 12.91 7.26
CA ASP B 85 13.44 11.89 6.34
C ASP B 85 12.93 10.52 6.74
N VAL B 86 13.04 10.17 8.02
CA VAL B 86 12.56 8.87 8.47
C VAL B 86 11.07 8.75 8.18
N VAL B 87 10.30 9.78 8.52
CA VAL B 87 8.87 9.75 8.25
C VAL B 87 8.63 9.45 6.77
N TYR B 88 9.36 10.13 5.89
CA TYR B 88 9.18 9.88 4.47
C TYR B 88 9.54 8.44 4.14
N ALA B 89 10.63 7.94 4.72
CA ALA B 89 11.03 6.56 4.47
C ALA B 89 9.94 5.59 4.92
N LEU B 90 9.37 5.85 6.10
CA LEU B 90 8.31 5.00 6.62
C LEU B 90 7.07 5.02 5.73
N LYS B 91 6.68 6.19 5.23
CA LYS B 91 5.52 6.27 4.35
C LYS B 91 5.65 5.38 3.12
N ARG B 92 6.83 5.38 2.49
CA ARG B 92 6.99 4.58 1.28
C ARG B 92 7.00 3.08 1.57
N GLN B 93 7.34 2.65 2.79
CA GLN B 93 7.26 1.24 3.11
C GLN B 93 5.91 0.86 3.69
N GLY B 94 4.90 1.72 3.59
CA GLY B 94 3.58 1.40 4.10
C GLY B 94 3.49 1.36 5.61
N ARG B 95 4.35 2.09 6.30
CA ARG B 95 4.36 2.17 7.76
C ARG B 95 4.26 3.62 8.21
N THR B 96 3.26 4.34 7.70
CA THR B 96 3.10 5.75 7.99
C THR B 96 3.19 6.04 9.49
N LEU B 97 3.99 7.04 9.84
CA LEU B 97 4.21 7.44 11.22
C LEU B 97 3.65 8.83 11.47
N TYR B 98 2.83 8.96 12.51
CA TYR B 98 2.28 10.24 12.93
C TYR B 98 2.96 10.69 14.20
N GLY B 99 3.23 11.99 14.31
CA GLY B 99 3.82 12.55 15.51
C GLY B 99 5.18 13.22 15.36
N PHE B 100 5.80 13.22 14.19
CA PHE B 100 7.12 13.82 14.03
C PHE B 100 7.12 14.90 12.95
N GLY B 101 6.03 15.65 12.87
CA GLY B 101 5.96 16.75 11.93
C GLY B 101 5.37 16.42 10.58
N GLY B 102 4.52 15.41 10.50
CA GLY B 102 3.90 15.03 9.24
C GLY B 102 3.87 13.54 9.02
N ARG C 11 17.47 23.56 -42.67
CA ARG C 11 18.12 23.04 -41.45
C ARG C 11 18.56 21.59 -41.64
N ALA C 12 19.17 21.03 -40.60
CA ALA C 12 19.62 19.65 -40.61
C ALA C 12 18.47 18.69 -40.33
N LYS C 13 18.64 17.45 -40.78
CA LYS C 13 17.61 16.44 -40.56
C LYS C 13 17.32 16.30 -39.07
N ALA C 14 16.03 16.21 -38.74
CA ALA C 14 15.63 16.10 -37.35
C ALA C 14 16.12 14.80 -36.76
N LYS C 15 16.86 14.90 -35.66
CA LYS C 15 17.40 13.74 -34.96
C LYS C 15 16.69 13.61 -33.63
N THR C 16 16.01 12.49 -33.42
CA THR C 16 15.26 12.30 -32.19
C THR C 16 16.20 12.27 -31.00
N ARG C 17 15.72 12.78 -29.86
CA ARG C 17 16.55 12.79 -28.67
C ARG C 17 16.88 11.37 -28.22
N SER C 18 16.01 10.41 -28.52
CA SER C 18 16.29 9.02 -28.18
C SER C 18 17.55 8.53 -28.88
N SER C 19 17.68 8.83 -30.18
CA SER C 19 18.86 8.39 -30.91
C SER C 19 20.10 9.11 -30.42
N ARG C 20 19.97 10.37 -30.02
CA ARG C 20 21.12 11.08 -29.49
C ARG C 20 21.63 10.41 -28.22
N ALA C 21 20.74 9.78 -27.46
CA ALA C 21 21.08 9.09 -26.22
C ALA C 21 21.26 7.60 -26.41
N GLY C 22 21.07 7.09 -27.63
CA GLY C 22 21.17 5.67 -27.88
C GLY C 22 20.13 4.80 -27.22
N LEU C 23 18.87 5.23 -27.25
CA LEU C 23 17.77 4.53 -26.60
C LEU C 23 16.70 4.19 -27.62
N GLN C 24 15.92 3.15 -27.32
CA GLN C 24 14.78 2.78 -28.14
C GLN C 24 13.49 3.38 -27.63
N PHE C 25 13.42 3.71 -26.36
CA PHE C 25 12.21 4.28 -25.80
C PHE C 25 12.08 5.74 -26.25
N PRO C 26 10.87 6.25 -26.40
CA PRO C 26 10.71 7.59 -26.94
C PRO C 26 11.01 8.67 -25.90
N VAL C 27 12.17 9.29 -25.99
CA VAL C 27 12.52 10.34 -25.04
C VAL C 27 11.56 11.51 -25.20
N GLY C 28 11.26 11.88 -26.44
CA GLY C 28 10.35 13.00 -26.66
C GLY C 28 9.00 12.77 -26.01
N ARG C 29 8.45 11.56 -26.18
CA ARG C 29 7.16 11.26 -25.57
C ARG C 29 7.22 11.31 -24.05
N VAL C 30 8.26 10.72 -23.46
CA VAL C 30 8.40 10.75 -22.00
C VAL C 30 8.48 12.18 -21.49
N HIS C 31 9.22 13.04 -22.19
CA HIS C 31 9.32 14.44 -21.78
C HIS C 31 7.95 15.10 -21.75
N ARG C 32 7.16 14.93 -22.81
CA ARG C 32 5.82 15.50 -22.82
C ARG C 32 4.98 14.97 -21.67
N LEU C 33 5.06 13.68 -21.39
CA LEU C 33 4.25 13.11 -20.32
C LEU C 33 4.65 13.68 -18.96
N LEU C 34 5.95 13.93 -18.76
CA LEU C 34 6.39 14.52 -17.50
C LEU C 34 5.90 15.96 -17.37
N ARG C 35 6.03 16.76 -18.43
CA ARG C 35 5.62 18.15 -18.35
C ARG C 35 4.12 18.31 -18.12
N LYS C 36 3.31 17.38 -18.64
CA LYS C 36 1.86 17.47 -18.54
C LYS C 36 1.27 16.45 -17.58
N GLY C 37 2.10 15.80 -16.76
CA GLY C 37 1.63 14.77 -15.86
C GLY C 37 1.46 15.28 -14.44
N ASN C 38 1.56 16.59 -14.23
CA ASN C 38 1.41 17.21 -12.92
C ASN C 38 2.35 16.60 -11.89
N TYR C 39 3.63 16.52 -12.24
CA TYR C 39 4.65 15.99 -11.35
C TYR C 39 5.48 17.09 -10.70
N SER C 40 5.86 18.10 -11.47
CA SER C 40 6.63 19.22 -10.97
C SER C 40 6.37 20.42 -11.87
N GLU C 41 6.85 21.58 -11.44
CA GLU C 41 6.68 22.79 -12.24
C GLU C 41 7.56 22.76 -13.48
N ARG C 42 8.82 22.35 -13.33
CA ARG C 42 9.79 22.32 -14.42
C ARG C 42 10.40 20.94 -14.51
N VAL C 43 10.87 20.59 -15.71
CA VAL C 43 11.51 19.29 -15.96
C VAL C 43 12.89 19.54 -16.53
N GLY C 44 13.91 19.05 -15.84
CA GLY C 44 15.26 19.22 -16.30
C GLY C 44 15.53 18.46 -17.58
N ALA C 45 16.52 18.94 -18.33
CA ALA C 45 16.77 18.37 -19.64
C ALA C 45 17.21 16.92 -19.56
N GLY C 46 17.83 16.52 -18.44
CA GLY C 46 18.23 15.13 -18.29
C GLY C 46 17.16 14.21 -17.75
N ALA C 47 16.17 14.75 -17.06
CA ALA C 47 15.16 13.90 -16.43
C ALA C 47 14.46 12.98 -17.42
N PRO C 48 13.85 13.46 -18.51
CA PRO C 48 13.20 12.51 -19.41
C PRO C 48 14.19 11.51 -19.96
N VAL C 49 15.41 11.96 -20.27
CA VAL C 49 16.41 11.04 -20.78
C VAL C 49 16.73 9.99 -19.72
N TYR C 50 17.04 10.43 -18.51
CA TYR C 50 17.38 9.51 -17.43
C TYR C 50 16.24 8.54 -17.17
N LEU C 51 15.04 9.08 -17.02
CA LEU C 51 13.86 8.25 -16.75
C LEU C 51 13.64 7.24 -17.86
N ALA C 52 13.69 7.69 -19.10
CA ALA C 52 13.48 6.79 -20.22
C ALA C 52 14.49 5.65 -20.21
N ALA C 53 15.75 5.97 -19.94
CA ALA C 53 16.77 4.92 -19.95
C ALA C 53 16.49 3.85 -18.89
N VAL C 54 16.12 4.26 -17.67
CA VAL C 54 15.84 3.28 -16.63
C VAL C 54 14.65 2.41 -17.03
N LEU C 55 13.59 3.03 -17.52
CA LEU C 55 12.42 2.26 -17.95
C LEU C 55 12.80 1.25 -19.03
N GLU C 56 13.57 1.69 -20.02
CA GLU C 56 13.95 0.76 -21.09
C GLU C 56 14.72 -0.43 -20.53
N TYR C 57 15.68 -0.17 -19.65
CA TYR C 57 16.48 -1.26 -19.10
C TYR C 57 15.59 -2.28 -18.38
N LEU C 58 14.68 -1.79 -17.55
CA LEU C 58 13.81 -2.71 -16.80
C LEU C 58 12.97 -3.56 -17.73
N THR C 59 12.40 -2.94 -18.77
CA THR C 59 11.61 -3.73 -19.72
C THR C 59 12.48 -4.81 -20.34
N ALA C 60 13.69 -4.44 -20.76
CA ALA C 60 14.62 -5.41 -21.32
C ALA C 60 14.83 -6.58 -20.36
N GLU C 61 15.05 -6.27 -19.09
CA GLU C 61 15.29 -7.31 -18.09
C GLU C 61 14.15 -8.32 -18.08
N ILE C 62 12.92 -7.86 -17.89
CA ILE C 62 11.79 -8.79 -17.83
C ILE C 62 11.71 -9.59 -19.14
N LEU C 63 11.78 -8.88 -20.27
CA LEU C 63 11.65 -9.56 -21.55
C LEU C 63 12.72 -10.62 -21.72
N GLU C 64 13.96 -10.30 -21.32
CA GLU C 64 15.03 -11.29 -21.44
C GLU C 64 14.67 -12.55 -20.67
N LEU C 65 14.23 -12.38 -19.42
CA LEU C 65 13.89 -13.55 -18.62
C LEU C 65 12.65 -14.24 -19.20
N ALA C 66 11.72 -13.46 -19.74
CA ALA C 66 10.50 -14.02 -20.30
C ALA C 66 10.79 -14.77 -21.59
N GLY C 67 11.66 -14.22 -22.43
CA GLY C 67 12.03 -14.92 -23.65
C GLY C 67 12.68 -16.25 -23.35
N ASN C 68 13.52 -16.29 -22.31
CA ASN C 68 14.13 -17.55 -21.90
C ASN C 68 13.07 -18.56 -21.49
N ALA C 69 12.10 -18.12 -20.68
CA ALA C 69 11.03 -19.03 -20.28
C ALA C 69 10.25 -19.50 -21.50
N ALA C 70 9.99 -18.61 -22.44
CA ALA C 70 9.29 -19.00 -23.66
C ALA C 70 10.07 -20.06 -24.41
N ARG C 71 11.37 -19.85 -24.53
CA ARG C 71 12.23 -20.80 -25.24
C ARG C 71 12.19 -22.17 -24.58
N ASP C 72 12.11 -22.21 -23.25
CA ASP C 72 12.05 -23.49 -22.55
C ASP C 72 10.80 -24.28 -22.90
N ASN C 73 9.72 -23.61 -23.28
CA ASN C 73 8.47 -24.27 -23.65
C ASN C 73 8.34 -24.51 -25.15
N LYS C 74 9.43 -24.41 -25.90
CA LYS C 74 9.39 -24.61 -27.35
C LYS C 74 8.39 -23.68 -28.01
N LYS C 75 8.20 -22.49 -27.44
CA LYS C 75 7.28 -21.51 -27.99
C LYS C 75 8.06 -20.33 -28.55
N THR C 76 7.51 -19.69 -29.57
CA THR C 76 8.16 -18.56 -30.20
C THR C 76 7.51 -17.23 -29.86
N ARG C 77 6.38 -17.23 -29.16
CA ARG C 77 5.72 -16.01 -28.72
C ARG C 77 5.60 -16.02 -27.22
N ILE C 78 5.98 -14.92 -26.58
CA ILE C 78 5.79 -14.79 -25.14
C ILE C 78 4.31 -14.55 -24.87
N ILE C 79 3.75 -15.28 -23.91
CA ILE C 79 2.37 -15.07 -23.50
C ILE C 79 2.38 -14.71 -22.02
N PRO C 80 1.27 -14.21 -21.47
CA PRO C 80 1.25 -13.90 -20.03
C PRO C 80 1.74 -15.01 -19.14
N ARG C 81 1.47 -16.27 -19.48
CA ARG C 81 1.99 -17.36 -18.66
C ARG C 81 3.50 -17.26 -18.49
N HIS C 82 4.21 -17.09 -19.61
CA HIS C 82 5.66 -17.01 -19.56
C HIS C 82 6.13 -15.85 -18.70
N LEU C 83 5.45 -14.70 -18.78
CA LEU C 83 5.82 -13.56 -17.96
C LEU C 83 5.70 -13.88 -16.48
N GLN C 84 4.62 -14.53 -16.08
CA GLN C 84 4.47 -14.87 -14.66
C GLN C 84 5.64 -15.73 -14.19
N LEU C 85 6.01 -16.74 -14.99
CA LEU C 85 7.13 -17.59 -14.61
C LEU C 85 8.39 -16.74 -14.40
N ALA C 86 8.68 -15.86 -15.36
CA ALA C 86 9.88 -15.04 -15.27
C ALA C 86 9.86 -14.12 -14.04
N ILE C 87 8.71 -13.51 -13.75
CA ILE C 87 8.65 -12.53 -12.67
C ILE C 87 8.75 -13.22 -11.31
N ARG C 88 7.99 -14.30 -11.12
CA ARG C 88 7.95 -14.92 -9.80
C ARG C 88 9.24 -15.66 -9.49
N ASN C 89 10.02 -16.03 -10.50
CA ASN C 89 11.26 -16.77 -10.30
C ASN C 89 12.45 -15.86 -10.06
N ASP C 90 12.27 -14.54 -10.10
CA ASP C 90 13.34 -13.59 -9.83
C ASP C 90 12.99 -12.80 -8.59
N GLU C 91 13.81 -12.97 -7.54
CA GLU C 91 13.52 -12.31 -6.27
C GLU C 91 13.35 -10.81 -6.44
N GLU C 92 14.25 -10.18 -7.19
CA GLU C 92 14.20 -8.72 -7.30
C GLU C 92 12.98 -8.27 -8.10
N LEU C 93 12.74 -8.89 -9.25
CA LEU C 93 11.55 -8.53 -10.03
C LEU C 93 10.29 -8.87 -9.26
N ASN C 94 10.29 -10.00 -8.56
CA ASN C 94 9.13 -10.38 -7.78
C ASN C 94 8.85 -9.35 -6.70
N LYS C 95 9.89 -8.89 -6.01
CA LYS C 95 9.68 -7.88 -4.98
C LYS C 95 9.13 -6.59 -5.59
N LEU C 96 9.73 -6.13 -6.68
CA LEU C 96 9.25 -4.90 -7.31
C LEU C 96 7.79 -5.04 -7.72
N LEU C 97 7.43 -6.17 -8.32
CA LEU C 97 6.08 -6.40 -8.83
C LEU C 97 5.34 -7.38 -7.91
N GLY C 98 5.55 -7.22 -6.60
CA GLY C 98 4.93 -8.15 -5.66
C GLY C 98 3.42 -8.10 -5.66
N ARG C 99 2.86 -6.90 -5.56
CA ARG C 99 1.41 -6.72 -5.45
C ARG C 99 0.74 -6.51 -6.80
N VAL C 100 1.21 -7.20 -7.84
CA VAL C 100 0.69 -7.05 -9.19
C VAL C 100 0.17 -8.41 -9.63
N THR C 101 -0.99 -8.42 -10.26
CA THR C 101 -1.61 -9.62 -10.80
C THR C 101 -1.55 -9.60 -12.32
N ILE C 102 -0.91 -10.62 -12.89
CA ILE C 102 -0.83 -10.78 -14.34
C ILE C 102 -2.05 -11.54 -14.82
N ALA C 103 -2.88 -10.89 -15.62
CA ALA C 103 -4.06 -11.53 -16.18
C ALA C 103 -3.66 -12.76 -17.00
N GLN C 104 -4.44 -13.82 -16.86
CA GLN C 104 -4.17 -15.07 -17.57
C GLN C 104 -2.77 -15.58 -17.25
N GLY C 105 -2.28 -15.30 -16.04
CA GLY C 105 -0.96 -15.75 -15.65
C GLY C 105 -0.88 -17.03 -14.85
N GLY C 106 -1.93 -17.36 -14.12
CA GLY C 106 -1.81 -18.57 -13.33
C GLY C 106 -0.83 -18.36 -12.17
N VAL C 107 -0.32 -19.48 -11.67
CA VAL C 107 0.60 -19.50 -10.54
C VAL C 107 1.80 -20.38 -10.90
N LEU C 108 2.79 -20.34 -10.03
CA LEU C 108 3.98 -21.17 -10.16
C LEU C 108 3.68 -22.58 -9.67
N PRO C 109 4.10 -23.62 -10.39
CA PRO C 109 3.93 -24.99 -9.86
C PRO C 109 4.64 -25.12 -8.53
N ASN C 110 3.85 -25.24 -7.46
CA ASN C 110 4.37 -25.30 -6.10
C ASN C 110 3.47 -26.19 -5.27
N ILE C 111 3.99 -27.31 -4.79
CA ILE C 111 3.25 -28.21 -3.91
C ILE C 111 3.97 -28.28 -2.57
N GLN C 112 3.24 -28.05 -1.49
CA GLN C 112 3.84 -28.13 -0.16
C GLN C 112 4.43 -29.52 0.08
N ALA C 113 5.61 -29.55 0.69
CA ALA C 113 6.30 -30.81 0.89
C ALA C 113 5.50 -31.76 1.80
N VAL C 114 4.78 -31.22 2.78
CA VAL C 114 4.09 -32.08 3.73
C VAL C 114 2.93 -32.83 3.09
N LEU C 115 2.40 -32.36 1.96
CA LEU C 115 1.26 -33.00 1.33
C LEU C 115 1.67 -34.11 0.37
N LEU C 116 2.93 -34.17 -0.03
CA LEU C 116 3.36 -35.16 -1.00
C LEU C 116 3.25 -36.56 -0.38
N PRO C 117 3.00 -37.58 -1.20
CA PRO C 117 2.85 -38.96 -0.70
C PRO C 117 4.01 -39.38 0.21
N SER D 32 -9.88 8.19 -33.19
CA SER D 32 -9.01 8.65 -32.07
C SER D 32 -7.79 7.74 -31.90
N ARG D 33 -6.61 8.35 -32.00
CA ARG D 33 -5.35 7.60 -31.89
C ARG D 33 -4.98 7.43 -30.42
N LYS D 34 -4.64 6.20 -30.04
CA LYS D 34 -4.30 5.85 -28.66
C LYS D 34 -2.82 5.49 -28.58
N GLU D 35 -2.06 6.36 -27.92
CA GLU D 35 -0.63 6.17 -27.76
C GLU D 35 -0.30 4.96 -26.90
N SER D 36 0.82 4.30 -27.23
CA SER D 36 1.27 3.14 -26.49
C SER D 36 2.76 2.97 -26.73
N TYR D 37 3.37 2.09 -25.93
CA TYR D 37 4.78 1.75 -26.05
C TYR D 37 5.03 0.50 -26.88
N SER D 38 4.00 0.02 -27.58
CA SER D 38 4.10 -1.25 -28.30
C SER D 38 5.33 -1.31 -29.22
N ILE D 39 5.51 -0.31 -30.08
CA ILE D 39 6.63 -0.32 -31.01
C ILE D 39 7.95 -0.43 -30.25
N TYR D 40 8.10 0.33 -29.19
CA TYR D 40 9.35 0.30 -28.43
C TYR D 40 9.51 -1.02 -27.71
N VAL D 41 8.43 -1.58 -27.18
CA VAL D 41 8.52 -2.90 -26.60
C VAL D 41 8.99 -3.90 -27.64
N TYR D 42 8.43 -3.83 -28.85
CA TYR D 42 8.82 -4.75 -29.91
C TYR D 42 10.30 -4.59 -30.26
N LYS D 43 10.77 -3.36 -30.40
CA LYS D 43 12.18 -3.12 -30.69
C LYS D 43 13.08 -3.77 -29.65
N VAL D 44 12.77 -3.58 -28.37
CA VAL D 44 13.62 -4.14 -27.33
C VAL D 44 13.62 -5.66 -27.41
N LEU D 45 12.45 -6.25 -27.62
CA LEU D 45 12.36 -7.70 -27.75
C LEU D 45 13.23 -8.21 -28.89
N LYS D 46 13.14 -7.57 -30.05
CA LYS D 46 13.91 -7.98 -31.21
C LYS D 46 15.42 -7.90 -31.00
N GLN D 47 15.88 -7.07 -30.05
CA GLN D 47 17.32 -7.05 -29.78
C GLN D 47 17.73 -8.24 -28.92
N VAL D 48 16.94 -8.58 -27.91
CA VAL D 48 17.32 -9.64 -26.99
C VAL D 48 16.93 -11.03 -27.51
N HIS D 49 15.88 -11.11 -28.33
CA HIS D 49 15.40 -12.38 -28.87
C HIS D 49 14.92 -12.14 -30.28
N PRO D 50 15.85 -12.12 -31.24
CA PRO D 50 15.45 -11.78 -32.62
C PRO D 50 14.37 -12.66 -33.21
N ASP D 51 14.26 -13.91 -32.79
CA ASP D 51 13.32 -14.85 -33.36
C ASP D 51 12.09 -15.10 -32.50
N THR D 52 11.88 -14.32 -31.44
CA THR D 52 10.76 -14.51 -30.54
C THR D 52 9.76 -13.37 -30.71
N GLY D 53 8.47 -13.73 -30.85
CA GLY D 53 7.42 -12.75 -30.93
C GLY D 53 6.70 -12.57 -29.60
N ILE D 54 5.57 -11.87 -29.66
CA ILE D 54 4.78 -11.59 -28.48
C ILE D 54 3.33 -11.41 -28.90
N SER D 55 2.41 -11.94 -28.09
CA SER D 55 0.99 -11.84 -28.41
C SER D 55 0.46 -10.45 -28.10
N SER D 56 -0.69 -10.13 -28.70
CA SER D 56 -1.31 -8.84 -28.42
C SER D 56 -1.64 -8.70 -26.95
N LYS D 57 -2.08 -9.79 -26.31
CA LYS D 57 -2.33 -9.76 -24.87
C LYS D 57 -1.05 -9.44 -24.11
N ALA D 58 0.04 -10.15 -24.43
CA ALA D 58 1.30 -9.89 -23.75
C ALA D 58 1.76 -8.46 -23.98
N MET D 59 1.51 -7.92 -25.18
CA MET D 59 1.87 -6.53 -25.45
C MET D 59 1.12 -5.60 -24.51
N GLY D 60 -0.16 -5.87 -24.29
CA GLY D 60 -0.92 -5.08 -23.34
C GLY D 60 -0.31 -5.13 -21.94
N ILE D 61 0.18 -6.30 -21.53
CA ILE D 61 0.84 -6.42 -20.25
C ILE D 61 2.00 -5.45 -20.15
N MET D 62 2.83 -5.41 -21.19
CA MET D 62 3.99 -4.52 -21.16
C MET D 62 3.56 -3.06 -21.04
N ASN D 63 2.52 -2.65 -21.76
CA ASN D 63 2.07 -1.27 -21.64
C ASN D 63 1.70 -0.94 -20.21
N SER D 64 0.89 -1.79 -19.57
CA SER D 64 0.58 -1.55 -18.17
C SER D 64 1.85 -1.47 -17.35
N PHE D 65 2.80 -2.37 -17.61
CA PHE D 65 4.06 -2.39 -16.87
C PHE D 65 4.80 -1.06 -17.04
N VAL D 66 5.00 -0.63 -18.28
CA VAL D 66 5.76 0.60 -18.51
C VAL D 66 5.10 1.76 -17.78
N ASN D 67 3.80 1.93 -17.98
CA ASN D 67 3.09 3.01 -17.31
C ASN D 67 3.25 2.88 -15.80
N ASP D 68 3.09 1.67 -15.27
CA ASP D 68 3.19 1.47 -13.84
C ASP D 68 4.54 1.96 -13.33
N ILE D 69 5.63 1.45 -13.91
CA ILE D 69 6.93 1.85 -13.42
C ILE D 69 7.09 3.35 -13.57
N PHE D 70 6.70 3.88 -14.74
CA PHE D 70 6.75 5.32 -14.96
C PHE D 70 6.06 6.06 -13.83
N GLU D 71 4.80 5.73 -13.55
CA GLU D 71 4.08 6.42 -12.48
C GLU D 71 4.84 6.36 -11.17
N ARG D 72 5.27 5.16 -10.77
CA ARG D 72 5.97 5.05 -9.50
C ARG D 72 7.16 6.00 -9.48
N ILE D 73 8.01 5.94 -10.49
CA ILE D 73 9.19 6.79 -10.53
C ILE D 73 8.78 8.26 -10.59
N ALA D 74 7.88 8.60 -11.51
CA ALA D 74 7.43 9.98 -11.60
C ALA D 74 6.76 10.45 -10.31
N GLY D 75 5.94 9.59 -9.70
CA GLY D 75 5.27 9.98 -8.47
C GLY D 75 6.23 10.13 -7.30
N GLU D 76 7.17 9.20 -7.18
CA GLU D 76 8.18 9.30 -6.14
C GLU D 76 9.08 10.50 -6.38
N ALA D 77 9.44 10.73 -7.65
CA ALA D 77 10.25 11.89 -8.00
C ALA D 77 9.57 13.18 -7.59
N SER D 78 8.26 13.26 -7.74
CA SER D 78 7.54 14.46 -7.32
C SER D 78 7.72 14.71 -5.83
N ARG D 79 7.54 13.68 -5.00
CA ARG D 79 7.73 13.85 -3.56
C ARG D 79 9.15 14.33 -3.23
N LEU D 80 10.16 13.71 -3.82
CA LEU D 80 11.53 14.14 -3.56
C LEU D 80 11.71 15.62 -3.85
N ALA D 81 11.26 16.07 -5.03
CA ALA D 81 11.36 17.48 -5.37
C ALA D 81 10.64 18.34 -4.35
N HIS D 82 9.41 17.96 -4.02
CA HIS D 82 8.60 18.72 -3.07
C HIS D 82 9.24 18.72 -1.68
N TYR D 83 9.75 17.57 -1.23
CA TYR D 83 10.42 17.50 0.07
C TYR D 83 11.65 18.39 0.13
N ASN D 84 12.37 18.53 -0.98
CA ASN D 84 13.58 19.34 -1.00
C ASN D 84 13.30 20.77 -1.46
N LYS D 85 12.03 21.14 -1.54
CA LYS D 85 11.59 22.48 -1.90
C LYS D 85 12.21 22.96 -3.22
N ARG D 86 12.33 22.06 -4.18
CA ARG D 86 12.86 22.41 -5.50
C ARG D 86 11.74 22.24 -6.52
N SER D 87 11.54 23.26 -7.35
CA SER D 87 10.49 23.19 -8.34
C SER D 87 10.90 22.48 -9.62
N THR D 88 12.18 22.17 -9.78
CA THR D 88 12.69 21.46 -10.94
C THR D 88 12.93 19.99 -10.61
N ILE D 89 12.51 19.09 -11.50
CA ILE D 89 12.83 17.68 -11.39
C ILE D 89 14.03 17.44 -12.30
N THR D 90 15.12 16.92 -11.72
CA THR D 90 16.34 16.72 -12.49
C THR D 90 16.88 15.30 -12.35
N SER D 91 18.11 15.11 -12.81
CA SER D 91 18.77 13.82 -12.70
C SER D 91 18.85 13.32 -11.26
N ARG D 92 19.11 14.22 -10.31
CA ARG D 92 19.23 13.80 -8.93
C ARG D 92 17.95 13.15 -8.41
N GLU D 93 16.80 13.78 -8.65
CA GLU D 93 15.55 13.21 -8.18
C GLU D 93 15.31 11.81 -8.75
N ILE D 94 15.49 11.64 -10.06
CA ILE D 94 15.30 10.31 -10.63
C ILE D 94 16.30 9.33 -10.04
N GLN D 95 17.56 9.73 -9.92
CA GLN D 95 18.57 8.84 -9.37
C GLN D 95 18.19 8.39 -7.97
N THR D 96 17.84 9.33 -7.10
CA THR D 96 17.43 8.96 -5.76
C THR D 96 16.13 8.17 -5.79
N ALA D 97 15.20 8.55 -6.67
CA ALA D 97 13.94 7.81 -6.78
C ALA D 97 14.20 6.36 -7.14
N VAL D 98 15.06 6.12 -8.14
CA VAL D 98 15.38 4.75 -8.54
C VAL D 98 16.04 4.00 -7.40
N ARG D 99 16.95 4.65 -6.68
CA ARG D 99 17.61 4.00 -5.54
C ARG D 99 16.61 3.63 -4.46
N LEU D 100 15.54 4.41 -4.31
CA LEU D 100 14.52 4.12 -3.31
C LEU D 100 13.58 3.00 -3.76
N LEU D 101 13.14 3.03 -5.02
CA LEU D 101 12.09 2.12 -5.47
C LEU D 101 12.63 0.77 -5.92
N LEU D 102 13.66 0.76 -6.74
CA LEU D 102 14.12 -0.50 -7.30
C LEU D 102 14.86 -1.29 -6.22
N PRO D 103 14.55 -2.56 -6.02
CA PRO D 103 15.21 -3.33 -4.96
C PRO D 103 16.58 -3.88 -5.37
N GLY D 104 17.52 -3.75 -4.45
CA GLY D 104 18.83 -4.34 -4.61
C GLY D 104 19.55 -3.99 -5.90
N GLU D 105 20.04 -5.03 -6.58
CA GLU D 105 20.86 -4.84 -7.77
C GLU D 105 20.10 -4.25 -8.95
N LEU D 106 18.78 -4.40 -8.99
CA LEU D 106 18.03 -3.75 -10.06
C LEU D 106 18.35 -2.26 -10.08
N ALA D 107 18.35 -1.64 -8.90
CA ALA D 107 18.67 -0.22 -8.84
C ALA D 107 20.09 0.04 -9.33
N LYS D 108 21.05 -0.75 -8.83
CA LYS D 108 22.44 -0.55 -9.21
C LYS D 108 22.58 -0.52 -10.73
N HIS D 109 22.04 -1.53 -11.42
CA HIS D 109 22.22 -1.58 -12.86
C HIS D 109 21.39 -0.52 -13.55
N ALA D 110 20.16 -0.29 -13.08
CA ALA D 110 19.32 0.75 -13.66
C ALA D 110 19.98 2.11 -13.55
N VAL D 111 20.55 2.41 -12.38
CA VAL D 111 21.23 3.69 -12.18
C VAL D 111 22.41 3.81 -13.13
N SER D 112 23.15 2.72 -13.32
CA SER D 112 24.24 2.75 -14.29
C SER D 112 23.70 3.08 -15.68
N GLU D 113 22.65 2.39 -16.11
CA GLU D 113 22.11 2.64 -17.44
C GLU D 113 21.70 4.10 -17.58
N GLY D 114 20.93 4.61 -16.62
CA GLY D 114 20.49 5.99 -16.69
C GLY D 114 21.66 6.96 -16.76
N THR D 115 22.66 6.75 -15.91
CA THR D 115 23.80 7.66 -15.89
C THR D 115 24.53 7.63 -17.23
N LYS D 116 24.71 6.43 -17.79
CA LYS D 116 25.36 6.31 -19.09
C LYS D 116 24.56 7.04 -20.16
N ALA D 117 23.24 6.84 -20.18
CA ALA D 117 22.42 7.47 -21.21
C ALA D 117 22.49 8.99 -21.11
N VAL D 118 22.32 9.53 -19.90
CA VAL D 118 22.39 10.98 -19.73
C VAL D 118 23.74 11.51 -20.15
N THR D 119 24.82 10.83 -19.73
CA THR D 119 26.15 11.28 -20.10
C THR D 119 26.29 11.37 -21.61
N LYS D 120 25.91 10.30 -22.33
CA LYS D 120 26.01 10.34 -23.78
C LYS D 120 25.17 11.48 -24.34
N TYR D 121 23.96 11.66 -23.81
CA TYR D 121 23.08 12.70 -24.33
C TYR D 121 23.69 14.08 -24.14
N THR D 122 24.32 14.31 -22.99
CA THR D 122 24.88 15.64 -22.72
C THR D 122 26.02 15.95 -23.66
N SER D 123 26.70 14.92 -24.16
CA SER D 123 27.75 15.10 -25.15
C SER D 123 27.23 14.94 -26.58
N ALA D 124 25.92 14.88 -26.76
CA ALA D 124 25.31 14.76 -28.08
C ALA D 124 25.96 13.64 -28.90
N HIS E 39 -11.13 -50.33 -11.15
CA HIS E 39 -9.95 -49.60 -10.63
C HIS E 39 -10.40 -48.46 -9.72
N ARG E 40 -9.77 -48.34 -8.54
CA ARG E 40 -10.10 -47.27 -7.60
C ARG E 40 -8.82 -46.67 -7.03
N TYR E 41 -8.55 -45.41 -7.36
CA TYR E 41 -7.41 -44.71 -6.79
C TYR E 41 -7.69 -44.38 -5.32
N ARG E 42 -6.66 -44.50 -4.50
CA ARG E 42 -6.83 -44.18 -3.09
C ARG E 42 -7.02 -42.67 -2.92
N PRO E 43 -7.88 -42.22 -1.99
CA PRO E 43 -8.10 -40.79 -1.78
C PRO E 43 -6.81 -39.97 -1.67
N GLY E 44 -6.68 -38.96 -2.52
CA GLY E 44 -5.49 -38.13 -2.57
C GLY E 44 -4.70 -38.25 -3.86
N THR E 45 -4.69 -39.44 -4.47
CA THR E 45 -3.92 -39.62 -5.69
C THR E 45 -4.39 -38.70 -6.80
N VAL E 46 -5.71 -38.68 -7.06
CA VAL E 46 -6.24 -37.82 -8.10
C VAL E 46 -6.15 -36.35 -7.70
N ALA E 47 -6.28 -36.05 -6.41
CA ALA E 47 -6.18 -34.67 -5.96
C ALA E 47 -4.82 -34.07 -6.33
N LEU E 48 -3.74 -34.80 -6.05
CA LEU E 48 -2.42 -34.28 -6.39
C LEU E 48 -2.29 -34.13 -7.90
N ARG E 49 -2.89 -35.04 -8.65
CA ARG E 49 -2.91 -34.95 -10.11
C ARG E 49 -3.59 -33.66 -10.57
N GLU E 50 -4.69 -33.30 -9.90
CA GLU E 50 -5.39 -32.06 -10.24
C GLU E 50 -4.54 -30.84 -9.94
N ILE E 51 -3.86 -30.81 -8.80
CA ILE E 51 -2.98 -29.67 -8.51
C ILE E 51 -2.01 -29.46 -9.66
N ARG E 52 -1.26 -30.50 -10.04
CA ARG E 52 -0.29 -30.34 -11.11
C ARG E 52 -0.96 -29.83 -12.39
N ARG E 53 -2.09 -30.44 -12.78
CA ARG E 53 -2.74 -30.04 -14.02
C ARG E 53 -3.20 -28.59 -13.94
N TYR E 54 -3.86 -28.22 -12.84
CA TYR E 54 -4.45 -26.90 -12.74
C TYR E 54 -3.40 -25.83 -12.48
N GLN E 55 -2.27 -26.21 -11.87
CA GLN E 55 -1.21 -25.25 -11.64
C GLN E 55 -0.41 -24.94 -12.89
N LYS E 56 -0.47 -25.80 -13.90
CA LYS E 56 0.18 -25.56 -15.18
C LYS E 56 -0.70 -24.81 -16.17
N SER E 57 -2.02 -24.89 -16.01
CA SER E 57 -2.95 -24.28 -16.95
C SER E 57 -3.31 -22.87 -16.50
N THR E 58 -3.89 -22.10 -17.42
CA THR E 58 -4.25 -20.72 -17.14
C THR E 58 -5.70 -20.34 -17.41
N GLU E 59 -6.57 -21.27 -17.80
CA GLU E 59 -7.93 -20.88 -18.15
C GLU E 59 -8.68 -20.44 -16.89
N LEU E 60 -9.74 -19.66 -17.10
CA LEU E 60 -10.55 -19.23 -15.96
C LEU E 60 -11.34 -20.41 -15.43
N LEU E 61 -11.43 -20.50 -14.11
CA LEU E 61 -12.03 -21.68 -13.49
C LEU E 61 -13.46 -21.49 -13.00
N ILE E 62 -13.95 -20.27 -12.90
CA ILE E 62 -15.33 -20.03 -12.52
C ILE E 62 -16.18 -19.94 -13.79
N ARG E 63 -17.36 -20.55 -13.77
CA ARG E 63 -18.24 -20.49 -14.92
C ARG E 63 -18.54 -19.03 -15.25
N LYS E 64 -18.44 -18.67 -16.53
CA LYS E 64 -18.55 -17.27 -16.91
C LYS E 64 -19.96 -16.71 -16.70
N LEU E 65 -20.99 -17.35 -17.24
CA LEU E 65 -22.35 -16.83 -17.06
C LEU E 65 -22.75 -16.71 -15.60
N PRO E 66 -22.67 -17.75 -14.78
CA PRO E 66 -23.05 -17.58 -13.37
C PRO E 66 -22.29 -16.45 -12.71
N PHE E 67 -21.00 -16.32 -13.01
CA PHE E 67 -20.21 -15.23 -12.47
C PHE E 67 -20.74 -13.87 -12.92
N GLN E 68 -21.05 -13.74 -14.22
CA GLN E 68 -21.60 -12.46 -14.69
C GLN E 68 -22.87 -12.09 -13.96
N ARG E 69 -23.79 -13.04 -13.79
CA ARG E 69 -25.03 -12.71 -13.10
C ARG E 69 -24.71 -12.19 -11.70
N LEU E 70 -23.76 -12.82 -11.02
CA LEU E 70 -23.38 -12.33 -9.70
C LEU E 70 -22.88 -10.91 -9.80
N VAL E 71 -21.98 -10.64 -10.74
CA VAL E 71 -21.46 -9.29 -10.90
C VAL E 71 -22.62 -8.32 -11.06
N ARG E 72 -23.54 -8.63 -11.97
CA ARG E 72 -24.68 -7.74 -12.19
C ARG E 72 -25.55 -7.65 -10.95
N GLU E 73 -25.74 -8.77 -10.24
CA GLU E 73 -26.58 -8.74 -9.05
C GLU E 73 -25.98 -7.85 -7.97
N ILE E 74 -24.68 -7.96 -7.73
CA ILE E 74 -24.07 -7.12 -6.71
C ILE E 74 -24.10 -5.66 -7.14
N ALA E 75 -23.76 -5.40 -8.40
CA ALA E 75 -23.72 -4.02 -8.87
C ALA E 75 -25.11 -3.41 -8.87
N GLN E 76 -26.14 -4.25 -9.02
CA GLN E 76 -27.50 -3.76 -9.11
C GLN E 76 -27.89 -2.95 -7.88
N ASP E 77 -27.34 -3.28 -6.70
CA ASP E 77 -27.73 -2.61 -5.47
C ASP E 77 -27.24 -1.17 -5.36
N PHE E 78 -26.24 -0.78 -6.13
CA PHE E 78 -25.70 0.57 -6.00
C PHE E 78 -26.37 1.56 -6.95
N LYS E 79 -26.58 1.17 -8.20
CA LYS E 79 -27.23 2.04 -9.16
C LYS E 79 -27.92 1.16 -10.19
N THR E 80 -29.12 1.57 -10.60
CA THR E 80 -29.91 0.77 -11.50
C THR E 80 -29.47 1.02 -12.95
N ASP E 81 -29.99 0.17 -13.84
CA ASP E 81 -29.69 0.26 -15.26
C ASP E 81 -28.20 0.41 -15.51
N LEU E 82 -27.39 -0.37 -14.79
CA LEU E 82 -25.95 -0.33 -14.93
C LEU E 82 -25.55 -1.36 -15.97
N ARG E 83 -24.83 -0.94 -16.98
CA ARG E 83 -24.29 -1.84 -17.99
C ARG E 83 -22.84 -2.13 -17.69
N PHE E 84 -22.32 -3.19 -18.28
CA PHE E 84 -20.95 -3.60 -18.05
C PHE E 84 -20.30 -4.02 -19.35
N GLN E 85 -19.13 -3.47 -19.64
CA GLN E 85 -18.40 -3.90 -20.82
C GLN E 85 -17.97 -5.35 -20.62
N SER E 86 -18.00 -6.13 -21.71
CA SER E 86 -17.63 -7.53 -21.59
C SER E 86 -16.24 -7.68 -20.99
N SER E 87 -15.28 -6.87 -21.42
CA SER E 87 -13.95 -6.97 -20.86
C SER E 87 -13.93 -6.58 -19.39
N ALA E 88 -14.85 -5.71 -18.97
CA ALA E 88 -14.95 -5.36 -17.55
C ALA E 88 -15.28 -6.58 -16.72
N VAL E 89 -16.24 -7.38 -17.15
CA VAL E 89 -16.58 -8.58 -16.39
C VAL E 89 -15.37 -9.50 -16.31
N MET E 90 -14.64 -9.62 -17.42
CA MET E 90 -13.46 -10.48 -17.40
C MET E 90 -12.44 -9.97 -16.40
N ALA E 91 -12.24 -8.65 -16.34
CA ALA E 91 -11.29 -8.11 -15.38
C ALA E 91 -11.68 -8.48 -13.95
N LEU E 92 -12.95 -8.31 -13.60
CA LEU E 92 -13.36 -8.68 -12.25
C LEU E 92 -13.08 -10.16 -12.01
N GLN E 93 -13.44 -11.01 -12.98
CA GLN E 93 -13.25 -12.45 -12.79
C GLN E 93 -11.79 -12.78 -12.58
N GLU E 94 -10.90 -12.21 -13.40
CA GLU E 94 -9.49 -12.51 -13.27
C GLU E 94 -8.99 -12.12 -11.89
N ALA E 95 -9.34 -10.92 -11.42
CA ALA E 95 -8.86 -10.50 -10.11
C ALA E 95 -9.40 -11.42 -9.03
N CYS E 96 -10.69 -11.74 -9.10
CA CYS E 96 -11.28 -12.58 -8.07
C CYS E 96 -10.63 -13.96 -8.04
N GLU E 97 -10.47 -14.61 -9.20
CA GLU E 97 -9.83 -15.94 -9.17
C GLU E 97 -8.40 -15.83 -8.69
N ALA E 98 -7.64 -14.89 -9.22
CA ALA E 98 -6.26 -14.73 -8.75
C ALA E 98 -6.23 -14.44 -7.26
N TYR E 99 -7.06 -13.51 -6.80
CA TYR E 99 -7.10 -13.18 -5.38
C TYR E 99 -7.44 -14.39 -4.54
N LEU E 100 -8.45 -15.16 -4.94
CA LEU E 100 -8.89 -16.29 -4.13
C LEU E 100 -7.82 -17.36 -4.09
N VAL E 101 -7.16 -17.62 -5.22
CA VAL E 101 -6.07 -18.59 -5.22
C VAL E 101 -4.99 -18.15 -4.25
N GLY E 102 -4.61 -16.88 -4.28
CA GLY E 102 -3.62 -16.40 -3.33
C GLY E 102 -4.02 -16.68 -1.90
N LEU E 103 -5.30 -16.50 -1.58
CA LEU E 103 -5.76 -16.74 -0.23
C LEU E 103 -5.65 -18.21 0.14
N PHE E 104 -6.01 -19.10 -0.78
CA PHE E 104 -5.92 -20.53 -0.48
C PHE E 104 -4.47 -20.96 -0.22
N GLU E 105 -3.49 -20.37 -0.90
CA GLU E 105 -2.10 -20.72 -0.61
C GLU E 105 -1.73 -20.37 0.82
N ASP E 106 -2.07 -19.15 1.26
CA ASP E 106 -1.73 -18.74 2.61
C ASP E 106 -2.51 -19.57 3.61
N THR E 107 -3.77 -19.87 3.29
CA THR E 107 -4.57 -20.73 4.16
C THR E 107 -3.89 -22.07 4.37
N ASN E 108 -3.36 -22.65 3.30
CA ASN E 108 -2.67 -23.92 3.45
C ASN E 108 -1.52 -23.82 4.44
N LEU E 109 -0.68 -22.78 4.32
CA LEU E 109 0.41 -22.66 5.27
C LEU E 109 -0.10 -22.64 6.69
N CYS E 110 -1.18 -21.91 6.95
CA CYS E 110 -1.76 -21.92 8.28
C CYS E 110 -2.21 -23.33 8.65
N ALA E 111 -2.89 -24.01 7.74
CA ALA E 111 -3.35 -25.37 8.03
C ALA E 111 -2.17 -26.26 8.40
N ILE E 112 -1.14 -26.28 7.57
CA ILE E 112 0.04 -27.10 7.87
C ILE E 112 0.58 -26.78 9.25
N HIS E 113 0.53 -25.50 9.62
CA HIS E 113 1.05 -25.11 10.93
C HIS E 113 0.39 -25.91 12.04
N ALA E 114 -0.90 -26.24 11.90
CA ALA E 114 -1.58 -27.02 12.91
C ALA E 114 -1.45 -28.52 12.67
N LYS E 115 -0.42 -28.95 11.94
CA LYS E 115 -0.17 -30.36 11.66
C LYS E 115 -1.35 -31.03 10.97
N ARG E 116 -2.14 -30.26 10.23
CA ARG E 116 -3.27 -30.80 9.48
C ARG E 116 -3.01 -30.62 8.00
N VAL E 117 -3.66 -31.45 7.20
CA VAL E 117 -3.58 -31.36 5.75
C VAL E 117 -4.88 -30.90 5.13
N THR E 118 -5.92 -30.71 5.93
CA THR E 118 -7.22 -30.25 5.44
C THR E 118 -7.43 -28.80 5.85
N ILE E 119 -7.74 -27.96 4.89
CA ILE E 119 -8.03 -26.55 5.18
C ILE E 119 -9.43 -26.44 5.76
N MET E 120 -9.60 -25.58 6.75
CA MET E 120 -10.87 -25.38 7.42
C MET E 120 -11.20 -23.89 7.50
N PRO E 121 -12.46 -23.54 7.75
CA PRO E 121 -12.81 -22.11 7.86
C PRO E 121 -11.94 -21.33 8.83
N LYS E 122 -11.57 -21.91 9.96
CA LYS E 122 -10.71 -21.20 10.88
C LYS E 122 -9.38 -20.84 10.24
N ASP E 123 -8.91 -21.63 9.28
CA ASP E 123 -7.68 -21.28 8.60
C ASP E 123 -7.87 -20.05 7.73
N ILE E 124 -8.96 -19.99 6.95
CA ILE E 124 -9.21 -18.78 6.16
C ILE E 124 -9.29 -17.59 7.10
N GLN E 125 -9.99 -17.73 8.22
CA GLN E 125 -10.14 -16.59 9.11
C GLN E 125 -8.77 -16.13 9.58
N LEU E 126 -7.93 -17.08 9.97
CA LEU E 126 -6.59 -16.72 10.41
C LEU E 126 -5.84 -15.99 9.30
N ALA E 127 -5.80 -16.59 8.11
CA ALA E 127 -5.11 -15.98 6.98
C ALA E 127 -5.57 -14.55 6.76
N ARG E 128 -6.89 -14.35 6.70
CA ARG E 128 -7.43 -13.02 6.44
C ARG E 128 -7.05 -12.05 7.55
N ARG E 129 -7.16 -12.49 8.81
CA ARG E 129 -6.82 -11.61 9.93
C ARG E 129 -5.38 -11.13 9.76
N ILE E 130 -4.45 -12.04 9.46
CA ILE E 130 -3.06 -11.67 9.32
C ILE E 130 -2.86 -10.72 8.15
N ARG E 131 -3.61 -10.92 7.06
CA ARG E 131 -3.46 -10.03 5.92
C ARG E 131 -3.93 -8.63 6.23
N GLY E 132 -4.69 -8.46 7.30
CA GLY E 132 -5.24 -7.18 7.70
C GLY E 132 -6.67 -6.93 7.27
N GLU E 133 -7.26 -7.83 6.48
CA GLU E 133 -8.61 -7.62 6.00
C GLU E 133 -9.59 -7.61 7.17
N ASN F 25 -27.72 -15.87 -6.73
CA ASN F 25 -26.72 -15.84 -7.84
C ASN F 25 -25.38 -16.33 -7.33
N ILE F 26 -25.16 -16.20 -6.02
CA ILE F 26 -23.90 -16.63 -5.43
C ILE F 26 -23.75 -18.13 -5.55
N GLN F 27 -24.86 -18.85 -5.63
CA GLN F 27 -24.79 -20.30 -5.78
C GLN F 27 -24.18 -20.69 -7.11
N GLY F 28 -24.08 -19.77 -8.06
CA GLY F 28 -23.41 -20.08 -9.31
C GLY F 28 -21.95 -20.43 -9.13
N ILE F 29 -21.32 -19.96 -8.06
CA ILE F 29 -19.96 -20.40 -7.75
C ILE F 29 -20.11 -21.79 -7.16
N THR F 30 -20.11 -22.79 -8.04
CA THR F 30 -20.36 -24.17 -7.64
C THR F 30 -19.20 -24.76 -6.84
N LYS F 31 -19.50 -25.88 -6.20
CA LYS F 31 -18.51 -26.61 -5.44
C LYS F 31 -17.29 -26.98 -6.27
N PRO F 32 -17.43 -27.61 -7.44
CA PRO F 32 -16.24 -27.89 -8.25
C PRO F 32 -15.42 -26.65 -8.58
N ALA F 33 -16.07 -25.53 -8.91
CA ALA F 33 -15.32 -24.31 -9.19
C ALA F 33 -14.52 -23.86 -7.97
N ILE F 34 -15.14 -23.84 -6.80
CA ILE F 34 -14.40 -23.46 -5.60
C ILE F 34 -13.26 -24.44 -5.37
N ARG F 35 -13.51 -25.72 -5.60
CA ARG F 35 -12.46 -26.73 -5.44
C ARG F 35 -11.30 -26.45 -6.38
N ARG F 36 -11.59 -26.22 -7.66
CA ARG F 36 -10.53 -25.95 -8.62
C ARG F 36 -9.67 -24.78 -8.19
N LEU F 37 -10.29 -23.71 -7.69
CA LEU F 37 -9.49 -22.58 -7.22
C LEU F 37 -8.58 -23.03 -6.08
N ALA F 38 -9.11 -23.83 -5.16
CA ALA F 38 -8.30 -24.32 -4.07
C ALA F 38 -7.15 -25.17 -4.60
N ARG F 39 -7.43 -25.99 -5.62
CA ARG F 39 -6.39 -26.83 -6.18
C ARG F 39 -5.24 -25.99 -6.71
N ARG F 40 -5.57 -24.87 -7.37
CA ARG F 40 -4.52 -23.97 -7.82
C ARG F 40 -3.73 -23.43 -6.63
N GLY F 41 -4.38 -23.27 -5.49
CA GLY F 41 -3.72 -22.81 -4.29
C GLY F 41 -2.87 -23.83 -3.58
N GLY F 42 -2.79 -25.05 -4.09
CA GLY F 42 -1.94 -26.06 -3.49
C GLY F 42 -2.55 -26.79 -2.33
N VAL F 43 -3.87 -26.80 -2.22
CA VAL F 43 -4.57 -27.44 -1.11
C VAL F 43 -4.80 -28.89 -1.49
N LYS F 44 -4.51 -29.81 -0.57
CA LYS F 44 -4.65 -31.21 -0.93
C LYS F 44 -6.02 -31.77 -0.54
N ARG F 45 -6.50 -31.47 0.64
CA ARG F 45 -7.77 -31.98 1.12
C ARG F 45 -8.56 -30.78 1.61
N ILE F 46 -9.86 -30.75 1.37
CA ILE F 46 -10.66 -29.58 1.72
C ILE F 46 -11.85 -29.98 2.57
N SER F 47 -12.06 -29.26 3.67
CA SER F 47 -13.19 -29.51 4.54
C SER F 47 -14.48 -29.01 3.91
N GLY F 48 -15.59 -29.67 4.27
CA GLY F 48 -16.89 -29.34 3.71
C GLY F 48 -17.41 -27.96 4.06
N LEU F 49 -16.84 -27.31 5.07
CA LEU F 49 -17.30 -25.99 5.45
C LEU F 49 -16.65 -24.88 4.64
N ILE F 50 -15.67 -25.19 3.79
CA ILE F 50 -14.96 -24.14 3.06
C ILE F 50 -15.87 -23.47 2.04
N TYR F 51 -16.73 -24.25 1.39
CA TYR F 51 -17.54 -23.70 0.32
C TYR F 51 -18.39 -22.52 0.79
N GLU F 52 -19.05 -22.65 1.93
CA GLU F 52 -19.85 -21.52 2.40
C GLU F 52 -18.97 -20.35 2.79
N GLU F 53 -17.84 -20.62 3.44
CA GLU F 53 -16.92 -19.55 3.82
C GLU F 53 -16.41 -18.79 2.60
N THR F 54 -15.99 -19.52 1.56
CA THR F 54 -15.47 -18.88 0.36
C THR F 54 -16.48 -17.93 -0.27
N ARG F 55 -17.73 -18.38 -0.41
CA ARG F 55 -18.75 -17.52 -1.00
C ARG F 55 -18.86 -16.20 -0.26
N GLY F 56 -18.87 -16.24 1.07
CA GLY F 56 -18.95 -15.00 1.82
C GLY F 56 -17.77 -14.08 1.56
N VAL F 57 -16.56 -14.65 1.57
CA VAL F 57 -15.36 -13.86 1.34
C VAL F 57 -15.40 -13.21 -0.03
N LEU F 58 -15.72 -14.00 -1.07
CA LEU F 58 -15.77 -13.46 -2.42
C LEU F 58 -16.78 -12.32 -2.53
N LYS F 59 -17.96 -12.50 -1.93
CA LYS F 59 -18.97 -11.46 -2.00
C LYS F 59 -18.43 -10.15 -1.46
N VAL F 60 -17.80 -10.19 -0.28
CA VAL F 60 -17.23 -8.98 0.30
C VAL F 60 -16.23 -8.39 -0.68
N PHE F 61 -15.30 -9.22 -1.14
CA PHE F 61 -14.29 -8.77 -2.09
C PHE F 61 -14.94 -8.09 -3.28
N LEU F 62 -15.90 -8.78 -3.91
CA LEU F 62 -16.56 -8.23 -5.08
C LEU F 62 -17.22 -6.89 -4.78
N GLU F 63 -17.98 -6.81 -3.69
CA GLU F 63 -18.65 -5.55 -3.35
C GLU F 63 -17.68 -4.38 -3.36
N ASN F 64 -16.53 -4.52 -2.68
CA ASN F 64 -15.59 -3.40 -2.63
C ASN F 64 -15.15 -2.97 -4.03
N VAL F 65 -14.71 -3.92 -4.85
CA VAL F 65 -14.19 -3.55 -6.16
C VAL F 65 -15.29 -2.93 -7.00
N ILE F 66 -16.45 -3.58 -7.05
CA ILE F 66 -17.52 -3.04 -7.89
C ILE F 66 -17.94 -1.68 -7.39
N ARG F 67 -18.01 -1.52 -6.06
CA ARG F 67 -18.37 -0.23 -5.48
C ARG F 67 -17.47 0.88 -6.03
N ASP F 68 -16.16 0.66 -5.98
CA ASP F 68 -15.24 1.68 -6.49
C ASP F 68 -15.36 1.85 -8.00
N ALA F 69 -15.44 0.74 -8.74
CA ALA F 69 -15.58 0.86 -10.19
C ALA F 69 -16.86 1.57 -10.57
N VAL F 70 -17.96 1.27 -9.89
CA VAL F 70 -19.21 1.96 -10.17
C VAL F 70 -19.09 3.44 -9.81
N THR F 71 -18.44 3.73 -8.69
CA THR F 71 -18.23 5.12 -8.29
C THR F 71 -17.50 5.90 -9.37
N TYR F 72 -16.45 5.31 -9.94
CA TYR F 72 -15.73 5.98 -11.02
C TYR F 72 -16.65 6.28 -12.19
N THR F 73 -17.47 5.31 -12.57
CA THR F 73 -18.39 5.50 -13.69
C THR F 73 -19.35 6.66 -13.44
N GLU F 74 -19.96 6.71 -12.26
CA GLU F 74 -20.90 7.80 -12.01
C GLU F 74 -20.24 9.16 -12.12
N HIS F 75 -18.98 9.29 -11.70
CA HIS F 75 -18.35 10.59 -11.82
C HIS F 75 -18.22 11.01 -13.27
N ALA F 76 -17.95 10.08 -14.17
CA ALA F 76 -17.85 10.43 -15.58
C ALA F 76 -19.21 10.63 -16.23
N LYS F 77 -20.29 10.51 -15.47
CA LYS F 77 -21.64 10.64 -16.00
C LYS F 77 -21.93 9.62 -17.08
N ARG F 78 -21.26 8.47 -17.02
CA ARG F 78 -21.45 7.41 -17.99
C ARG F 78 -22.45 6.41 -17.45
N LYS F 79 -23.01 5.61 -18.35
CA LYS F 79 -23.96 4.58 -17.99
C LYS F 79 -23.40 3.17 -18.15
N THR F 80 -22.17 3.03 -18.65
CA THR F 80 -21.57 1.72 -18.88
C THR F 80 -20.22 1.62 -18.18
N VAL F 81 -20.07 0.63 -17.31
CA VAL F 81 -18.79 0.40 -16.64
C VAL F 81 -17.80 -0.17 -17.67
N THR F 82 -16.65 0.51 -17.81
CA THR F 82 -15.61 0.12 -18.74
C THR F 82 -14.52 -0.66 -18.02
N ALA F 83 -13.66 -1.31 -18.80
CA ALA F 83 -12.54 -2.05 -18.23
C ALA F 83 -11.59 -1.14 -17.46
N MET F 84 -11.36 0.08 -17.94
CA MET F 84 -10.46 0.99 -17.23
C MET F 84 -10.94 1.27 -15.82
N ASP F 85 -12.24 1.50 -15.66
CA ASP F 85 -12.82 1.76 -14.35
C ASP F 85 -12.52 0.65 -13.35
N VAL F 86 -12.61 -0.62 -13.77
CA VAL F 86 -12.31 -1.72 -12.85
C VAL F 86 -10.84 -1.69 -12.45
N VAL F 87 -9.94 -1.57 -13.42
CA VAL F 87 -8.50 -1.56 -13.12
C VAL F 87 -8.18 -0.49 -12.08
N TYR F 88 -8.71 0.72 -12.26
CA TYR F 88 -8.45 1.78 -11.28
C TYR F 88 -8.94 1.39 -9.89
N ALA F 89 -10.13 0.80 -9.80
CA ALA F 89 -10.60 0.37 -8.50
C ALA F 89 -9.61 -0.57 -7.86
N LEU F 90 -9.09 -1.52 -8.64
CA LEU F 90 -8.10 -2.46 -8.11
C LEU F 90 -6.81 -1.74 -7.69
N LYS F 91 -6.34 -0.79 -8.49
CA LYS F 91 -5.07 -0.13 -8.17
C LYS F 91 -5.08 0.52 -6.80
N ARG F 92 -6.13 1.28 -6.50
CA ARG F 92 -6.16 1.98 -5.23
C ARG F 92 -6.29 1.04 -4.04
N GLN F 93 -6.74 -0.19 -4.26
CA GLN F 93 -6.79 -1.19 -3.20
C GLN F 93 -5.55 -2.08 -3.18
N GLY F 94 -4.49 -1.67 -3.86
CA GLY F 94 -3.26 -2.44 -3.84
C GLY F 94 -3.31 -3.75 -4.57
N ARG F 95 -4.17 -3.86 -5.59
CA ARG F 95 -4.29 -5.08 -6.40
C ARG F 95 -4.10 -4.75 -7.88
N THR F 96 -2.97 -4.12 -8.19
CA THR F 96 -2.70 -3.72 -9.57
C THR F 96 -2.90 -4.91 -10.50
N LEU F 97 -3.66 -4.69 -11.57
CA LEU F 97 -3.94 -5.73 -12.55
C LEU F 97 -3.27 -5.36 -13.86
N TYR F 98 -2.49 -6.29 -14.42
CA TYR F 98 -1.85 -6.09 -15.70
C TYR F 98 -2.62 -6.81 -16.80
N GLY F 99 -2.70 -6.18 -17.97
CA GLY F 99 -3.27 -6.81 -19.15
C GLY F 99 -4.52 -6.19 -19.72
N PHE F 100 -5.16 -5.24 -19.05
CA PHE F 100 -6.43 -4.70 -19.54
C PHE F 100 -6.37 -3.19 -19.65
N GLY F 101 -5.22 -2.67 -20.07
CA GLY F 101 -5.06 -1.24 -20.25
C GLY F 101 -4.54 -0.51 -19.04
N GLY F 102 -3.75 -1.19 -18.21
CA GLY F 102 -3.25 -0.60 -16.97
C GLY F 102 -3.42 -1.57 -15.82
N ARG G 11 -13.09 50.77 -0.50
CA ARG G 11 -13.41 49.34 -0.78
C ARG G 11 -14.28 48.77 0.34
N ALA G 12 -14.76 47.54 0.16
CA ALA G 12 -15.52 46.86 1.18
C ALA G 12 -14.58 46.13 2.13
N LYS G 13 -15.03 45.92 3.36
CA LYS G 13 -14.22 45.17 4.32
C LYS G 13 -13.98 43.76 3.81
N ALA G 14 -12.73 43.31 3.94
CA ALA G 14 -12.35 41.98 3.47
C ALA G 14 -13.03 40.89 4.27
N LYS G 15 -13.74 39.99 3.58
CA LYS G 15 -14.40 38.87 4.22
C LYS G 15 -13.72 37.59 3.75
N THR G 16 -13.14 36.85 4.69
CA THR G 16 -12.41 35.64 4.35
C THR G 16 -13.35 34.58 3.77
N ARG G 17 -12.83 33.79 2.84
CA ARG G 17 -13.64 32.72 2.28
C ARG G 17 -14.01 31.72 3.35
N SER G 18 -13.16 31.54 4.34
CA SER G 18 -13.47 30.67 5.47
C SER G 18 -14.71 31.15 6.20
N SER G 19 -14.81 32.45 6.44
CA SER G 19 -15.95 32.98 7.16
C SER G 19 -17.23 32.91 6.34
N ARG G 20 -17.14 33.09 5.02
CA ARG G 20 -18.35 33.00 4.19
C ARG G 20 -18.97 31.61 4.23
N ALA G 21 -18.15 30.57 4.40
CA ALA G 21 -18.63 29.20 4.41
C ALA G 21 -18.91 28.68 5.80
N GLY G 22 -18.67 29.48 6.83
CA GLY G 22 -18.87 29.04 8.19
C GLY G 22 -17.94 27.94 8.64
N LEU G 23 -16.65 28.04 8.32
CA LEU G 23 -15.68 27.01 8.65
C LEU G 23 -14.58 27.62 9.50
N GLN G 24 -13.91 26.76 10.26
CA GLN G 24 -12.77 27.19 11.05
C GLN G 24 -11.46 26.95 10.33
N PHE G 25 -11.43 25.97 9.44
CA PHE G 25 -10.22 25.66 8.69
C PHE G 25 -9.97 26.73 7.62
N PRO G 26 -8.71 26.97 7.29
CA PRO G 26 -8.36 28.08 6.38
C PRO G 26 -8.62 27.72 4.92
N VAL G 27 -9.68 28.30 4.36
CA VAL G 27 -10.03 28.03 2.96
C VAL G 27 -8.93 28.55 2.04
N GLY G 28 -8.50 29.78 2.27
CA GLY G 28 -7.47 30.37 1.43
C GLY G 28 -6.19 29.56 1.41
N ARG G 29 -5.73 29.13 2.58
CA ARG G 29 -4.50 28.35 2.63
C ARG G 29 -4.66 27.03 1.88
N VAL G 30 -5.78 26.34 2.09
CA VAL G 30 -5.99 25.11 1.35
C VAL G 30 -5.95 25.38 -0.14
N HIS G 31 -6.57 26.48 -0.57
CA HIS G 31 -6.55 26.82 -2.00
C HIS G 31 -5.13 27.01 -2.49
N ARG G 32 -4.34 27.80 -1.78
CA ARG G 32 -2.95 27.98 -2.17
C ARG G 32 -2.21 26.65 -2.12
N LEU G 33 -2.46 25.87 -1.07
CA LEU G 33 -1.80 24.57 -0.96
C LEU G 33 -2.18 23.64 -2.10
N LEU G 34 -3.43 23.72 -2.58
CA LEU G 34 -3.76 22.91 -3.75
C LEU G 34 -3.01 23.40 -4.98
N ARG G 35 -2.96 24.71 -5.18
CA ARG G 35 -2.26 25.23 -6.35
C ARG G 35 -0.77 24.91 -6.28
N LYS G 36 -0.20 24.92 -5.07
CA LYS G 36 1.21 24.64 -4.88
C LYS G 36 1.48 23.21 -4.42
N GLY G 37 0.48 22.35 -4.46
CA GLY G 37 0.67 20.98 -4.05
C GLY G 37 0.85 20.04 -5.22
N ASN G 38 0.94 20.59 -6.44
CA ASN G 38 1.10 19.82 -7.65
C ASN G 38 0.03 18.74 -7.80
N TYR G 39 -1.23 19.15 -7.62
CA TYR G 39 -2.37 18.24 -7.75
C TYR G 39 -3.11 18.42 -9.05
N SER G 40 -3.30 19.65 -9.51
CA SER G 40 -3.90 19.89 -10.81
C SER G 40 -3.48 21.28 -11.26
N GLU G 41 -3.73 21.56 -12.54
CA GLU G 41 -3.35 22.86 -13.08
C GLU G 41 -4.23 23.96 -12.52
N ARG G 42 -5.53 23.69 -12.39
CA ARG G 42 -6.49 24.67 -11.91
C ARG G 42 -7.26 24.07 -10.75
N VAL G 43 -7.77 24.92 -9.87
CA VAL G 43 -8.58 24.48 -8.75
C VAL G 43 -9.86 25.30 -8.70
N GLY G 44 -10.99 24.64 -8.80
CA GLY G 44 -12.26 25.34 -8.80
C GLY G 44 -12.51 26.06 -7.49
N ALA G 45 -13.38 27.07 -7.55
CA ALA G 45 -13.66 27.87 -6.35
C ALA G 45 -14.39 27.05 -5.29
N GLY G 46 -15.13 26.02 -5.70
CA GLY G 46 -15.82 25.16 -4.76
C GLY G 46 -14.96 24.05 -4.19
N ALA G 47 -13.89 23.68 -4.87
CA ALA G 47 -13.01 22.63 -4.36
C ALA G 47 -12.39 22.95 -2.99
N PRO G 48 -11.73 24.09 -2.80
CA PRO G 48 -11.13 24.35 -1.48
C PRO G 48 -12.14 24.44 -0.36
N VAL G 49 -13.30 25.03 -0.60
CA VAL G 49 -14.33 25.10 0.44
C VAL G 49 -14.73 23.69 0.85
N TYR G 50 -15.08 22.86 -0.12
CA TYR G 50 -15.48 21.50 0.17
C TYR G 50 -14.39 20.73 0.90
N LEU G 51 -13.15 20.80 0.39
CA LEU G 51 -12.05 20.11 1.05
C LEU G 51 -11.85 20.57 2.49
N ALA G 52 -11.87 21.88 2.71
CA ALA G 52 -11.66 22.39 4.06
C ALA G 52 -12.71 21.85 5.02
N ALA G 53 -13.97 21.85 4.60
CA ALA G 53 -15.02 21.36 5.49
C ALA G 53 -14.80 19.89 5.85
N VAL G 54 -14.38 19.08 4.89
CA VAL G 54 -14.18 17.66 5.16
C VAL G 54 -13.07 17.46 6.19
N LEU G 55 -11.92 18.10 6.01
CA LEU G 55 -10.88 17.97 7.03
C LEU G 55 -11.41 18.44 8.38
N GLU G 56 -12.13 19.56 8.42
CA GLU G 56 -12.65 20.02 9.70
C GLU G 56 -13.55 18.97 10.32
N TYR G 57 -14.47 18.41 9.54
CA TYR G 57 -15.38 17.42 10.08
C TYR G 57 -14.61 16.23 10.65
N LEU G 58 -13.65 15.71 9.89
CA LEU G 58 -12.90 14.54 10.36
C LEU G 58 -12.11 14.85 11.62
N THR G 59 -11.44 16.00 11.68
CA THR G 59 -10.75 16.34 12.91
C THR G 59 -11.73 16.44 14.06
N ALA G 60 -12.88 17.06 13.83
CA ALA G 60 -13.88 17.12 14.87
C ALA G 60 -14.25 15.71 15.33
N GLU G 61 -14.51 14.83 14.38
CA GLU G 61 -14.89 13.46 14.72
C GLU G 61 -13.83 12.80 15.60
N ILE G 62 -12.59 12.75 15.11
CA ILE G 62 -11.51 12.12 15.87
C ILE G 62 -11.36 12.80 17.23
N LEU G 63 -11.31 14.13 17.22
CA LEU G 63 -11.11 14.87 18.46
C LEU G 63 -12.27 14.64 19.42
N GLU G 64 -13.50 14.65 18.90
CA GLU G 64 -14.65 14.43 19.77
C GLU G 64 -14.56 13.09 20.47
N LEU G 65 -14.26 12.03 19.72
CA LEU G 65 -14.18 10.71 20.33
C LEU G 65 -13.00 10.62 21.28
N ALA G 66 -11.89 11.29 20.95
CA ALA G 66 -10.71 11.23 21.82
C ALA G 66 -10.94 12.01 23.10
N GLY G 67 -11.60 13.16 23.03
CA GLY G 67 -11.90 13.91 24.24
C GLY G 67 -12.77 13.13 25.20
N ASN G 68 -13.74 12.38 24.66
CA ASN G 68 -14.56 11.55 25.51
C ASN G 68 -13.71 10.51 26.24
N ALA G 69 -12.80 9.87 25.51
CA ALA G 69 -11.92 8.89 26.16
C ALA G 69 -11.12 9.55 27.27
N ALA G 70 -10.67 10.79 27.04
CA ALA G 70 -9.93 11.51 28.08
C ALA G 70 -10.78 11.67 29.33
N ARG G 71 -12.04 12.07 29.16
CA ARG G 71 -12.89 12.27 30.33
C ARG G 71 -13.03 10.97 31.11
N ASP G 72 -13.14 9.84 30.40
CA ASP G 72 -13.25 8.56 31.09
C ASP G 72 -12.01 8.25 31.90
N ASN G 73 -10.86 8.79 31.51
CA ASN G 73 -9.62 8.58 32.25
C ASN G 73 -9.36 9.71 33.24
N LYS G 74 -10.37 10.54 33.51
CA LYS G 74 -10.28 11.67 34.43
C LYS G 74 -9.11 12.60 34.12
N LYS G 75 -8.77 12.75 32.85
CA LYS G 75 -7.70 13.66 32.44
C LYS G 75 -8.31 14.80 31.63
N THR G 76 -7.67 15.97 31.71
CA THR G 76 -8.17 17.14 31.01
C THR G 76 -7.32 17.57 29.81
N ARG G 77 -6.17 16.93 29.57
CA ARG G 77 -5.33 17.27 28.44
C ARG G 77 -5.11 16.03 27.59
N ILE G 78 -5.30 16.16 26.28
CA ILE G 78 -5.12 15.04 25.36
C ILE G 78 -3.64 14.78 25.14
N ILE G 79 -3.25 13.52 25.24
CA ILE G 79 -1.89 13.07 24.95
C ILE G 79 -2.03 12.00 23.88
N PRO G 80 -0.95 11.57 23.25
CA PRO G 80 -1.06 10.50 22.24
C PRO G 80 -1.87 9.28 22.67
N ARG G 81 -1.83 8.90 23.94
CA ARG G 81 -2.61 7.75 24.37
C ARG G 81 -4.09 7.87 24.01
N HIS G 82 -4.72 9.00 24.32
CA HIS G 82 -6.14 9.13 24.04
C HIS G 82 -6.45 9.00 22.55
N LEU G 83 -5.61 9.56 21.69
CA LEU G 83 -5.85 9.43 20.26
C LEU G 83 -5.80 7.98 19.82
N GLN G 84 -4.83 7.21 20.28
CA GLN G 84 -4.77 5.80 19.90
C GLN G 84 -6.05 5.09 20.29
N LEU G 85 -6.52 5.34 21.52
CA LEU G 85 -7.77 4.71 21.95
C LEU G 85 -8.92 5.06 21.00
N ALA G 86 -9.05 6.34 20.66
CA ALA G 86 -10.15 6.76 19.80
C ALA G 86 -10.10 6.09 18.45
N ILE G 87 -8.91 6.03 17.83
CA ILE G 87 -8.82 5.46 16.49
C ILE G 87 -9.04 3.96 16.51
N ARG G 88 -8.44 3.24 17.46
CA ARG G 88 -8.59 1.78 17.45
C ARG G 88 -9.92 1.31 18.03
N ASN G 89 -10.56 2.10 18.87
CA ASN G 89 -11.82 1.71 19.50
C ASN G 89 -13.04 2.08 18.68
N ASP G 90 -12.86 2.71 17.52
CA ASP G 90 -13.96 3.10 16.66
C ASP G 90 -13.88 2.32 15.36
N GLU G 91 -14.88 1.50 15.10
CA GLU G 91 -14.89 0.62 13.93
C GLU G 91 -14.66 1.40 12.65
N GLU G 92 -15.36 2.52 12.48
CA GLU G 92 -15.28 3.27 11.22
C GLU G 92 -13.92 3.93 11.05
N LEU G 93 -13.47 4.68 12.06
CA LEU G 93 -12.17 5.33 12.00
C LEU G 93 -11.02 4.35 12.00
N ASN G 94 -11.15 3.22 12.68
CA ASN G 94 -10.11 2.20 12.66
C ASN G 94 -9.85 1.71 11.25
N LYS G 95 -10.92 1.46 10.49
CA LYS G 95 -10.75 1.00 9.12
C LYS G 95 -10.00 2.04 8.30
N LEU G 96 -10.39 3.31 8.42
CA LEU G 96 -9.70 4.36 7.68
C LEU G 96 -8.22 4.42 8.03
N LEU G 97 -7.88 4.35 9.32
CA LEU G 97 -6.49 4.46 9.78
C LEU G 97 -5.91 3.10 10.13
N GLY G 98 -6.17 2.08 9.31
CA GLY G 98 -5.63 0.77 9.60
C GLY G 98 -4.11 0.74 9.60
N ARG G 99 -3.49 1.27 8.56
CA ARG G 99 -2.04 1.22 8.36
C ARG G 99 -1.29 2.45 8.89
N VAL G 100 -1.68 2.98 10.05
CA VAL G 100 -1.03 4.16 10.63
C VAL G 100 -0.49 3.80 12.00
N THR G 101 0.69 4.32 12.31
CA THR G 101 1.32 4.14 13.62
C THR G 101 1.31 5.46 14.36
N ILE G 102 0.63 5.49 15.51
CA ILE G 102 0.56 6.67 16.36
C ILE G 102 1.71 6.63 17.36
N ALA G 103 2.63 7.58 17.26
CA ALA G 103 3.74 7.64 18.21
C ALA G 103 3.20 7.79 19.62
N GLN G 104 3.82 7.07 20.56
CA GLN G 104 3.43 7.14 21.96
C GLN G 104 1.96 6.78 22.16
N GLY G 105 1.43 5.88 21.33
CA GLY G 105 0.04 5.49 21.49
C GLY G 105 -0.22 4.23 22.28
N GLY G 106 0.73 3.32 22.31
CA GLY G 106 0.45 2.07 23.01
C GLY G 106 -0.53 1.26 22.18
N VAL G 107 -1.21 0.32 22.83
CA VAL G 107 -2.15 -0.57 22.15
C VAL G 107 -3.45 -0.61 22.95
N LEU G 108 -4.45 -1.25 22.34
CA LEU G 108 -5.74 -1.48 22.97
C LEU G 108 -5.64 -2.67 23.92
N PRO G 109 -6.20 -2.57 25.13
CA PRO G 109 -6.21 -3.74 25.99
C PRO G 109 -6.94 -4.90 25.33
N ASN G 110 -6.19 -5.94 24.95
CA ASN G 110 -6.76 -7.08 24.25
C ASN G 110 -5.97 -8.32 24.65
N ILE G 111 -6.62 -9.25 25.36
CA ILE G 111 -6.00 -10.51 25.74
C ILE G 111 -6.81 -11.65 25.13
N GLN G 112 -6.13 -12.56 24.44
CA GLN G 112 -6.80 -13.71 23.87
C GLN G 112 -7.51 -14.50 24.96
N ALA G 113 -8.72 -14.97 24.66
CA ALA G 113 -9.49 -15.68 25.67
C ALA G 113 -8.81 -16.96 26.14
N VAL G 114 -8.04 -17.61 25.27
CA VAL G 114 -7.44 -18.89 25.64
C VAL G 114 -6.35 -18.73 26.70
N LEU G 115 -5.79 -17.53 26.88
CA LEU G 115 -4.72 -17.38 27.85
C LEU G 115 -5.21 -17.09 29.26
N LEU G 116 -6.45 -16.66 29.41
CA LEU G 116 -6.98 -16.33 30.72
C LEU G 116 -7.10 -17.60 31.56
N PRO G 117 -7.00 -17.47 32.89
CA PRO G 117 -7.08 -18.64 33.78
C PRO G 117 -8.30 -19.53 33.49
N SER H 32 12.58 31.35 10.67
CA SER H 32 11.71 30.93 9.53
C SER H 32 10.38 30.42 10.04
N ARG H 33 9.29 31.04 9.59
CA ARG H 33 7.96 30.65 10.02
C ARG H 33 7.50 29.41 9.25
N LYS H 34 7.02 28.42 9.99
CA LYS H 34 6.58 27.13 9.45
C LYS H 34 5.09 26.95 9.70
N GLU H 35 4.32 26.90 8.62
CA GLU H 35 2.86 26.77 8.69
C GLU H 35 2.43 25.44 9.30
N SER H 36 1.28 25.49 9.98
CA SER H 36 0.67 24.31 10.59
C SER H 36 -0.82 24.61 10.76
N TYR H 37 -1.57 23.58 11.17
CA TYR H 37 -2.99 23.71 11.47
C TYR H 37 -3.27 23.92 12.95
N SER H 38 -2.25 24.21 13.75
CA SER H 38 -2.40 24.29 15.20
C SER H 38 -3.56 25.17 15.65
N ILE H 39 -3.58 26.43 15.19
CA ILE H 39 -4.65 27.35 15.59
C ILE H 39 -6.02 26.80 15.24
N TYR H 40 -6.17 26.26 14.03
CA TYR H 40 -7.47 25.74 13.61
C TYR H 40 -7.86 24.49 14.39
N VAL H 41 -6.91 23.60 14.65
CA VAL H 41 -7.21 22.42 15.46
C VAL H 41 -7.73 22.82 16.83
N TYR H 42 -7.10 23.82 17.46
CA TYR H 42 -7.54 24.27 18.77
C TYR H 42 -8.95 24.84 18.75
N LYS H 43 -9.29 25.67 17.76
CA LYS H 43 -10.66 26.19 17.68
C LYS H 43 -11.68 25.06 17.64
N VAL H 44 -11.46 24.06 16.78
CA VAL H 44 -12.46 23.00 16.66
C VAL H 44 -12.58 22.25 17.98
N LEU H 45 -11.46 21.99 18.64
CA LEU H 45 -11.52 21.29 19.93
C LEU H 45 -12.38 22.05 20.93
N LYS H 46 -12.19 23.37 21.03
CA LYS H 46 -12.97 24.18 21.96
C LYS H 46 -14.45 24.19 21.63
N GLN H 47 -14.83 23.91 20.39
CA GLN H 47 -16.25 23.83 20.06
C GLN H 47 -16.87 22.53 20.55
N VAL H 48 -16.20 21.41 20.36
CA VAL H 48 -16.78 20.13 20.73
C VAL H 48 -16.52 19.78 22.20
N HIS H 49 -15.45 20.30 22.78
CA HIS H 49 -15.07 20.02 24.16
C HIS H 49 -14.47 21.30 24.72
N PRO H 50 -15.31 22.22 25.19
CA PRO H 50 -14.80 23.53 25.62
C PRO H 50 -13.74 23.49 26.69
N ASP H 51 -13.71 22.48 27.55
CA ASP H 51 -12.78 22.44 28.67
C ASP H 51 -11.61 21.50 28.46
N THR H 52 -11.39 20.99 27.25
CA THR H 52 -10.35 20.01 27.00
C THR H 52 -9.23 20.61 26.17
N GLY H 53 -8.00 20.44 26.63
CA GLY H 53 -6.83 20.93 25.93
C GLY H 53 -6.16 19.84 25.12
N ILE H 54 -4.94 20.15 24.67
CA ILE H 54 -4.18 19.22 23.85
C ILE H 54 -2.69 19.45 24.09
N SER H 55 -1.95 18.36 24.24
CA SER H 55 -0.52 18.46 24.46
C SER H 55 0.19 18.76 23.15
N SER H 56 1.41 19.30 23.28
CA SER H 56 2.20 19.61 22.09
C SER H 56 2.43 18.37 21.25
N LYS H 57 2.62 17.21 21.90
CA LYS H 57 2.75 15.97 21.17
C LYS H 57 1.48 15.68 20.37
N ALA H 58 0.31 15.79 21.03
CA ALA H 58 -0.94 15.52 20.33
C ALA H 58 -1.14 16.49 19.18
N MET H 59 -0.70 17.74 19.34
CA MET H 59 -0.80 18.70 18.25
C MET H 59 0.01 18.22 17.06
N GLY H 60 1.21 17.70 17.30
CA GLY H 60 2.02 17.15 16.22
C GLY H 60 1.30 16.03 15.49
N ILE H 61 0.61 15.17 16.25
CA ILE H 61 -0.19 14.10 15.65
C ILE H 61 -1.28 14.68 14.75
N MET H 62 -2.01 15.67 15.26
CA MET H 62 -3.08 16.26 14.46
C MET H 62 -2.55 16.89 13.18
N ASN H 63 -1.45 17.63 13.24
CA ASN H 63 -0.90 18.17 12.01
C ASN H 63 -0.57 17.06 11.01
N SER H 64 0.09 16.01 11.46
CA SER H 64 0.39 14.91 10.56
C SER H 64 -0.88 14.28 10.01
N PHE H 65 -1.89 14.08 10.85
CA PHE H 65 -3.16 13.54 10.38
C PHE H 65 -3.82 14.42 9.33
N VAL H 66 -3.97 15.71 9.61
CA VAL H 66 -4.61 16.60 8.64
C VAL H 66 -3.86 16.55 7.32
N ASN H 67 -2.54 16.72 7.36
CA ASN H 67 -1.77 16.61 6.13
C ASN H 67 -1.92 15.24 5.49
N ASP H 68 -1.91 14.17 6.28
CA ASP H 68 -2.05 12.83 5.71
C ASP H 68 -3.36 12.67 4.96
N ILE H 69 -4.48 13.02 5.58
CA ILE H 69 -5.76 12.93 4.88
C ILE H 69 -5.74 13.85 3.66
N PHE H 70 -5.24 15.06 3.85
CA PHE H 70 -5.11 16.03 2.77
C PHE H 70 -4.41 15.42 1.56
N GLU H 71 -3.26 14.78 1.74
CA GLU H 71 -2.59 14.14 0.62
C GLU H 71 -3.47 13.11 -0.08
N ARG H 72 -4.10 12.22 0.67
CA ARG H 72 -4.96 11.24 0.03
C ARG H 72 -6.05 11.92 -0.78
N ILE H 73 -6.77 12.86 -0.18
CA ILE H 73 -7.86 13.52 -0.89
C ILE H 73 -7.33 14.25 -2.11
N ALA H 74 -6.32 15.11 -1.92
CA ALA H 74 -5.76 15.84 -3.05
C ALA H 74 -5.14 14.90 -4.08
N GLY H 75 -4.41 13.89 -3.63
CA GLY H 75 -3.81 12.95 -4.56
C GLY H 75 -4.83 12.14 -5.34
N GLU H 76 -5.86 11.65 -4.65
CA GLU H 76 -6.90 10.86 -5.32
C GLU H 76 -7.69 11.70 -6.30
N ALA H 77 -8.05 12.92 -5.90
CA ALA H 77 -8.74 13.82 -6.80
C ALA H 77 -7.95 14.03 -8.09
N SER H 78 -6.63 14.09 -7.99
CA SER H 78 -5.82 14.26 -9.20
C SER H 78 -6.00 13.10 -10.17
N ARG H 79 -5.87 11.86 -9.70
CA ARG H 79 -6.08 10.73 -10.61
C ARG H 79 -7.46 10.79 -11.23
N LEU H 80 -8.49 11.01 -10.40
CA LEU H 80 -9.84 11.15 -10.92
C LEU H 80 -9.92 12.25 -11.95
N ALA H 81 -9.36 13.42 -11.64
CA ALA H 81 -9.31 14.52 -12.60
C ALA H 81 -8.55 14.10 -13.86
N HIS H 82 -7.42 13.42 -13.68
CA HIS H 82 -6.59 13.02 -14.80
C HIS H 82 -7.32 12.03 -15.71
N TYR H 83 -8.02 11.06 -15.12
CA TYR H 83 -8.74 10.07 -15.92
C TYR H 83 -9.73 10.69 -16.88
N ASN H 84 -10.37 11.79 -16.49
CA ASN H 84 -11.39 12.43 -17.30
C ASN H 84 -10.85 13.52 -18.22
N LYS H 85 -9.53 13.60 -18.39
CA LYS H 85 -8.92 14.63 -19.22
C LYS H 85 -9.39 16.03 -18.86
N ARG H 86 -9.52 16.28 -17.56
CA ARG H 86 -9.90 17.60 -17.08
C ARG H 86 -8.70 18.21 -16.36
N SER H 87 -8.52 19.51 -16.51
CA SER H 87 -7.40 20.19 -15.91
C SER H 87 -7.79 20.93 -14.65
N THR H 88 -9.07 20.93 -14.29
CA THR H 88 -9.56 21.60 -13.10
C THR H 88 -10.10 20.56 -12.14
N ILE H 89 -9.70 20.65 -10.88
CA ILE H 89 -10.25 19.81 -9.84
C ILE H 89 -11.37 20.60 -9.20
N THR H 90 -12.59 20.09 -9.30
CA THR H 90 -13.74 20.77 -8.73
C THR H 90 -14.26 19.99 -7.53
N SER H 91 -15.30 20.55 -6.91
CA SER H 91 -15.91 19.89 -5.77
C SER H 91 -16.41 18.51 -6.16
N ARG H 92 -16.76 18.32 -7.43
CA ARG H 92 -17.19 17.00 -7.87
C ARG H 92 -16.08 15.97 -7.66
N GLU H 93 -14.86 16.28 -8.08
CA GLU H 93 -13.78 15.33 -7.89
C GLU H 93 -13.53 15.09 -6.40
N ILE H 94 -13.56 16.15 -5.60
CA ILE H 94 -13.37 15.97 -4.16
C ILE H 94 -14.46 15.06 -3.63
N GLN H 95 -15.70 15.31 -4.05
CA GLN H 95 -16.80 14.45 -3.66
C GLN H 95 -16.55 13.01 -4.09
N THR H 96 -16.16 12.80 -5.35
CA THR H 96 -15.87 11.45 -5.81
C THR H 96 -14.66 10.83 -5.10
N ALA H 97 -13.59 11.60 -4.92
CA ALA H 97 -12.45 11.09 -4.17
C ALA H 97 -12.84 10.73 -2.74
N VAL H 98 -13.64 11.57 -2.09
CA VAL H 98 -14.11 11.29 -0.74
C VAL H 98 -14.88 9.97 -0.69
N ARG H 99 -15.78 9.74 -1.65
CA ARG H 99 -16.52 8.48 -1.65
C ARG H 99 -15.58 7.29 -1.75
N LEU H 100 -14.50 7.40 -2.51
CA LEU H 100 -13.61 6.26 -2.65
C LEU H 100 -12.83 5.97 -1.37
N LEU H 101 -12.47 7.00 -0.60
CA LEU H 101 -11.59 6.82 0.55
C LEU H 101 -12.34 6.64 1.86
N LEU H 102 -13.32 7.47 2.16
CA LEU H 102 -13.96 7.39 3.46
C LEU H 102 -14.83 6.13 3.54
N PRO H 103 -14.67 5.30 4.57
CA PRO H 103 -15.46 4.06 4.66
C PRO H 103 -16.84 4.25 5.28
N GLY H 104 -17.82 3.58 4.67
CA GLY H 104 -19.18 3.54 5.21
C GLY H 104 -19.80 4.88 5.52
N GLU H 105 -20.33 5.02 6.74
CA GLU H 105 -21.06 6.22 7.10
C GLU H 105 -20.19 7.46 7.18
N LEU H 106 -18.88 7.30 7.37
CA LEU H 106 -18.00 8.46 7.34
C LEU H 106 -18.20 9.22 6.03
N ALA H 107 -18.23 8.50 4.92
CA ALA H 107 -18.40 9.15 3.62
C ALA H 107 -19.71 9.90 3.56
N LYS H 108 -20.81 9.25 3.93
CA LYS H 108 -22.11 9.91 3.88
C LYS H 108 -22.08 11.25 4.59
N HIS H 109 -21.59 11.27 5.83
CA HIS H 109 -21.64 12.51 6.59
C HIS H 109 -20.64 13.53 6.05
N ALA H 110 -19.45 13.07 5.65
CA ALA H 110 -18.47 14.00 5.09
C ALA H 110 -18.99 14.68 3.83
N VAL H 111 -19.62 13.90 2.94
CA VAL H 111 -20.16 14.48 1.72
C VAL H 111 -21.26 15.48 2.05
N SER H 112 -22.13 15.14 2.99
CA SER H 112 -23.17 16.08 3.41
C SER H 112 -22.56 17.39 3.91
N GLU H 113 -21.59 17.31 4.80
CA GLU H 113 -20.99 18.52 5.35
C GLU H 113 -20.42 19.40 4.25
N GLY H 114 -19.61 18.81 3.35
CA GLY H 114 -19.03 19.60 2.29
C GLY H 114 -20.09 20.27 1.43
N THR H 115 -21.12 19.53 1.05
CA THR H 115 -22.16 20.11 0.20
C THR H 115 -22.87 21.25 0.92
N LYS H 116 -23.16 21.07 2.20
CA LYS H 116 -23.81 22.15 2.94
C LYS H 116 -22.92 23.38 2.96
N ALA H 117 -21.63 23.19 3.24
CA ALA H 117 -20.72 24.33 3.31
C ALA H 117 -20.60 25.03 1.96
N VAL H 118 -20.38 24.27 0.90
CA VAL H 118 -20.26 24.84 -0.44
C VAL H 118 -21.52 25.59 -0.84
N THR H 119 -22.69 25.01 -0.56
CA THR H 119 -23.94 25.68 -0.90
C THR H 119 -24.00 27.06 -0.26
N LYS H 120 -23.72 27.12 1.04
CA LYS H 120 -23.74 28.41 1.72
C LYS H 120 -22.72 29.35 1.09
N TYR H 121 -21.55 28.83 0.75
CA TYR H 121 -20.48 29.66 0.19
C TYR H 121 -20.88 30.33 -1.12
N THR H 122 -21.56 29.62 -2.00
CA THR H 122 -21.90 30.20 -3.30
C THR H 122 -22.87 31.36 -3.14
N SER H 123 -23.64 31.38 -2.07
CA SER H 123 -24.55 32.47 -1.78
C SER H 123 -23.93 33.52 -0.86
N ALA H 124 -22.63 33.43 -0.61
CA ALA H 124 -21.93 34.38 0.24
C ALA H 124 -22.67 34.62 1.56
#